data_5W8Z
#
_entry.id   5W8Z
#
_entity_poly.entity_id   1
_entity_poly.type   'polypeptide(L)'
_entity_poly.pdbx_seq_one_letter_code
;MKKIPLSKYLEEHGTQSALAAALGVNQSAISQMVRAGRCIDIELYTDGRVECRELRPDVFGALEHHHHHH
;
_entity_poly.pdbx_strand_id   A
#
# COMPACT_ATOMS: atom_id res chain seq x y z
N MET A 1 -12.39 -8.29 -4.01
CA MET A 1 -11.16 -7.57 -4.43
C MET A 1 -10.03 -8.57 -4.72
N LYS A 2 -8.93 -8.07 -5.30
CA LYS A 2 -7.77 -8.91 -5.64
C LYS A 2 -6.58 -8.53 -4.74
N LYS A 3 -6.09 -9.49 -3.95
CA LYS A 3 -4.95 -9.29 -3.04
C LYS A 3 -3.64 -9.37 -3.82
N ILE A 4 -2.93 -8.23 -3.91
CA ILE A 4 -1.59 -8.18 -4.50
C ILE A 4 -0.56 -8.07 -3.37
N PRO A 5 0.62 -8.74 -3.47
CA PRO A 5 1.74 -8.53 -2.52
C PRO A 5 2.40 -7.14 -2.74
N LEU A 6 2.79 -6.47 -1.63
CA LEU A 6 3.25 -5.06 -1.62
C LEU A 6 4.31 -4.79 -2.69
N SER A 7 5.43 -5.52 -2.59
CA SER A 7 6.60 -5.33 -3.47
C SER A 7 6.25 -5.56 -4.96
N LYS A 8 5.36 -6.54 -5.21
CA LYS A 8 4.96 -6.91 -6.59
C LYS A 8 4.07 -5.82 -7.22
N TYR A 9 3.22 -5.21 -6.37
CA TYR A 9 2.38 -4.06 -6.73
C TYR A 9 3.27 -2.87 -7.11
N LEU A 10 4.35 -2.66 -6.32
CA LEU A 10 5.29 -1.55 -6.49
C LEU A 10 6.16 -1.72 -7.77
N GLU A 11 6.23 -2.97 -8.28
CA GLU A 11 6.92 -3.29 -9.54
C GLU A 11 6.05 -2.92 -10.76
N GLU A 12 4.79 -3.40 -10.72
CA GLU A 12 3.92 -3.46 -11.92
C GLU A 12 2.85 -2.35 -11.98
N HIS A 13 2.11 -2.18 -10.87
CA HIS A 13 0.85 -1.39 -10.89
C HIS A 13 1.08 0.09 -10.57
N GLY A 14 1.87 0.37 -9.52
CA GLY A 14 2.10 1.76 -9.11
C GLY A 14 3.38 1.92 -8.31
N THR A 15 3.76 3.17 -8.01
CA THR A 15 4.94 3.49 -7.19
C THR A 15 4.55 3.58 -5.71
N GLN A 16 5.56 3.84 -4.88
CA GLN A 16 5.42 3.95 -3.42
C GLN A 16 4.73 5.28 -3.05
N SER A 17 5.03 6.32 -3.87
CA SER A 17 4.42 7.64 -3.77
C SER A 17 2.94 7.59 -4.25
N ALA A 18 2.73 6.94 -5.42
CA ALA A 18 1.38 6.73 -6.01
C ALA A 18 0.47 5.97 -5.05
N LEU A 19 1.08 5.01 -4.34
CA LEU A 19 0.38 4.16 -3.38
C LEU A 19 -0.12 5.02 -2.20
N ALA A 20 0.82 5.79 -1.61
CA ALA A 20 0.53 6.72 -0.49
C ALA A 20 -0.54 7.77 -0.88
N ALA A 21 -0.54 8.16 -2.16
CA ALA A 21 -1.51 9.12 -2.73
C ALA A 21 -2.92 8.50 -2.81
N ALA A 22 -2.97 7.22 -3.21
CA ALA A 22 -4.24 6.46 -3.35
C ALA A 22 -4.83 6.12 -1.98
N LEU A 23 -3.95 5.84 -1.01
CA LEU A 23 -4.35 5.51 0.38
C LEU A 23 -4.74 6.78 1.15
N GLY A 24 -4.10 7.91 0.79
CA GLY A 24 -4.28 9.19 1.50
C GLY A 24 -3.39 9.28 2.74
N VAL A 25 -2.26 8.55 2.71
CA VAL A 25 -1.30 8.46 3.81
C VAL A 25 0.04 9.12 3.44
N ASN A 26 0.98 9.12 4.39
CA ASN A 26 2.35 9.61 4.18
C ASN A 26 3.22 8.52 3.55
N GLN A 27 4.28 8.94 2.82
CA GLN A 27 5.27 8.02 2.22
C GLN A 27 6.20 7.44 3.32
N SER A 28 6.28 8.12 4.48
CA SER A 28 7.03 7.63 5.66
C SER A 28 6.48 6.27 6.11
N ALA A 29 5.14 6.16 6.05
CA ALA A 29 4.42 4.90 6.25
C ALA A 29 4.90 3.85 5.24
N ILE A 30 4.74 4.12 3.95
CA ILE A 30 4.99 3.14 2.86
C ILE A 30 6.44 2.61 2.90
N SER A 31 7.39 3.51 3.10
CA SER A 31 8.83 3.19 3.16
C SER A 31 9.19 2.40 4.45
N GLN A 32 8.42 2.61 5.52
CA GLN A 32 8.56 1.84 6.78
C GLN A 32 8.08 0.40 6.55
N MET A 33 6.98 0.26 5.81
CA MET A 33 6.34 -1.04 5.49
C MET A 33 7.27 -1.90 4.59
N VAL A 34 7.83 -1.23 3.57
CA VAL A 34 8.80 -1.81 2.63
C VAL A 34 10.07 -2.26 3.38
N ARG A 35 10.67 -1.34 4.15
CA ARG A 35 11.94 -1.59 4.87
C ARG A 35 11.75 -2.44 6.13
N ALA A 36 10.48 -2.68 6.53
CA ALA A 36 10.16 -3.66 7.59
C ALA A 36 10.39 -5.09 7.07
N GLY A 37 10.27 -5.25 5.74
CA GLY A 37 10.40 -6.53 5.08
C GLY A 37 9.16 -7.40 5.26
N ARG A 38 8.04 -6.75 5.58
CA ARG A 38 6.73 -7.41 5.69
C ARG A 38 5.98 -7.23 4.36
N CYS A 39 5.70 -8.36 3.68
CA CYS A 39 4.86 -8.39 2.49
C CYS A 39 3.42 -8.04 2.90
N ILE A 40 2.92 -6.92 2.38
CA ILE A 40 1.58 -6.41 2.70
C ILE A 40 0.60 -6.76 1.56
N ASP A 41 -0.64 -7.09 1.93
CA ASP A 41 -1.70 -7.33 0.95
C ASP A 41 -2.37 -5.99 0.56
N ILE A 42 -2.14 -5.57 -0.69
CA ILE A 42 -2.79 -4.41 -1.29
C ILE A 42 -4.15 -4.82 -1.86
N GLU A 43 -5.22 -4.31 -1.22
CA GLU A 43 -6.60 -4.61 -1.59
C GLU A 43 -6.94 -3.87 -2.90
N LEU A 44 -6.83 -4.57 -4.04
CA LEU A 44 -7.06 -3.98 -5.38
C LEU A 44 -8.56 -4.10 -5.77
N TYR A 45 -9.21 -2.94 -5.87
CA TYR A 45 -10.61 -2.81 -6.32
C TYR A 45 -10.67 -2.75 -7.86
N THR A 46 -11.82 -3.17 -8.43
CA THR A 46 -12.00 -3.32 -9.89
C THR A 46 -11.99 -1.96 -10.62
N ASP A 47 -12.27 -0.84 -9.90
CA ASP A 47 -12.29 0.52 -10.48
C ASP A 47 -10.85 1.08 -10.60
N GLY A 48 -9.92 0.49 -9.83
CA GLY A 48 -8.53 0.93 -9.79
C GLY A 48 -8.08 1.45 -8.42
N ARG A 49 -9.04 1.63 -7.47
CA ARG A 49 -8.69 1.97 -6.06
C ARG A 49 -7.86 0.85 -5.42
N VAL A 50 -7.01 1.23 -4.46
CA VAL A 50 -6.24 0.29 -3.64
C VAL A 50 -6.28 0.74 -2.18
N GLU A 51 -6.28 -0.25 -1.27
CA GLU A 51 -6.37 -0.01 0.17
C GLU A 51 -5.40 -0.93 0.91
N CYS A 52 -4.52 -0.36 1.72
CA CYS A 52 -3.66 -1.11 2.64
C CYS A 52 -4.29 -1.07 4.04
N ARG A 53 -4.91 -2.17 4.47
CA ARG A 53 -5.60 -2.25 5.78
C ARG A 53 -4.60 -2.51 6.93
N GLU A 54 -3.37 -2.95 6.56
CA GLU A 54 -2.21 -2.97 7.49
C GLU A 54 -1.88 -1.54 7.94
N LEU A 55 -1.97 -0.61 6.98
CA LEU A 55 -1.55 0.77 7.14
C LEU A 55 -2.79 1.62 7.43
N ARG A 56 -3.09 1.73 8.72
CA ARG A 56 -4.06 2.68 9.24
C ARG A 56 -3.44 4.08 9.32
N PRO A 57 -4.25 5.18 9.27
CA PRO A 57 -3.77 6.58 9.55
C PRO A 57 -3.14 6.73 10.95
N ASP A 58 -3.39 5.74 11.83
CA ASP A 58 -2.89 5.71 13.23
C ASP A 58 -1.40 5.30 13.29
N VAL A 59 -0.78 5.08 12.11
CA VAL A 59 0.63 4.68 12.01
C VAL A 59 1.58 5.82 12.46
N PHE A 60 1.35 7.04 11.96
CA PHE A 60 2.21 8.23 12.21
C PHE A 60 1.37 9.51 12.29
N GLY A 61 0.03 9.37 12.25
CA GLY A 61 -0.85 10.51 12.02
C GLY A 61 -0.81 10.91 10.54
N ALA A 62 -1.00 9.90 9.69
CA ALA A 62 -0.87 10.00 8.23
C ALA A 62 -2.14 10.66 7.63
N MET A 1 -13.33 -9.11 -3.66
CA MET A 1 -12.06 -8.83 -2.96
C MET A 1 -10.92 -9.64 -3.59
N LYS A 2 -9.82 -8.97 -3.97
CA LYS A 2 -8.63 -9.64 -4.53
C LYS A 2 -7.37 -9.15 -3.78
N LYS A 3 -6.73 -10.06 -3.04
CA LYS A 3 -5.48 -9.77 -2.32
C LYS A 3 -4.29 -9.76 -3.32
N ILE A 4 -3.42 -8.75 -3.20
CA ILE A 4 -2.16 -8.67 -3.94
C ILE A 4 -1.02 -8.51 -2.93
N PRO A 5 0.11 -9.28 -3.05
CA PRO A 5 1.28 -9.10 -2.18
C PRO A 5 1.88 -7.68 -2.40
N LEU A 6 2.32 -7.00 -1.30
CA LEU A 6 2.69 -5.56 -1.32
C LEU A 6 3.65 -5.21 -2.48
N SER A 7 4.83 -5.86 -2.51
CA SER A 7 5.85 -5.61 -3.53
C SER A 7 5.35 -5.91 -4.96
N LYS A 8 4.53 -6.98 -5.09
CA LYS A 8 3.93 -7.43 -6.36
C LYS A 8 3.00 -6.32 -6.92
N TYR A 9 2.26 -5.67 -5.98
CA TYR A 9 1.39 -4.52 -6.29
C TYR A 9 2.23 -3.32 -6.73
N LEU A 10 3.31 -3.06 -5.96
CA LEU A 10 4.19 -1.90 -6.16
C LEU A 10 4.99 -1.99 -7.48
N GLU A 11 5.14 -3.20 -8.03
CA GLU A 11 5.84 -3.43 -9.31
C GLU A 11 4.96 -3.07 -10.51
N GLU A 12 3.75 -3.70 -10.58
CA GLU A 12 2.95 -3.72 -11.82
C GLU A 12 1.80 -2.70 -11.81
N HIS A 13 1.26 -2.44 -10.61
CA HIS A 13 -0.09 -1.82 -10.45
C HIS A 13 -0.01 -0.33 -10.10
N GLY A 14 0.92 0.02 -9.18
CA GLY A 14 1.10 1.41 -8.74
C GLY A 14 2.36 1.56 -7.91
N THR A 15 2.74 2.81 -7.60
CA THR A 15 3.92 3.10 -6.76
C THR A 15 3.54 3.17 -5.27
N GLN A 16 4.55 3.40 -4.41
CA GLN A 16 4.36 3.62 -2.97
C GLN A 16 3.69 4.98 -2.76
N SER A 17 4.02 5.92 -3.67
CA SER A 17 3.42 7.27 -3.73
C SER A 17 1.91 7.19 -4.06
N ALA A 18 1.60 6.41 -5.12
CA ALA A 18 0.22 6.19 -5.59
C ALA A 18 -0.62 5.47 -4.53
N LEU A 19 0.01 4.46 -3.90
CA LEU A 19 -0.65 3.61 -2.91
C LEU A 19 -1.02 4.45 -1.67
N ALA A 20 -0.01 5.17 -1.14
CA ALA A 20 -0.18 6.09 0.01
C ALA A 20 -1.24 7.17 -0.28
N ALA A 21 -1.28 7.66 -1.52
CA ALA A 21 -2.28 8.66 -1.97
C ALA A 21 -3.71 8.09 -1.90
N ALA A 22 -3.85 6.80 -2.26
CA ALA A 22 -5.14 6.08 -2.23
C ALA A 22 -5.57 5.73 -0.79
N LEU A 23 -4.57 5.53 0.09
CA LEU A 23 -4.82 5.27 1.53
C LEU A 23 -5.09 6.59 2.28
N GLY A 24 -4.58 7.70 1.72
CA GLY A 24 -4.61 9.00 2.37
C GLY A 24 -3.61 9.09 3.51
N VAL A 25 -2.46 8.40 3.32
CA VAL A 25 -1.34 8.32 4.28
C VAL A 25 -0.03 8.79 3.61
N ASN A 26 1.02 9.01 4.43
CA ASN A 26 2.38 9.24 3.93
C ASN A 26 3.04 7.90 3.51
N GLN A 27 4.01 7.99 2.57
CA GLN A 27 4.77 6.83 2.06
C GLN A 27 5.65 6.19 3.15
N SER A 28 5.89 6.98 4.23
CA SER A 28 6.58 6.56 5.45
C SER A 28 5.99 5.25 5.99
N ALA A 29 4.63 5.16 5.94
CA ALA A 29 3.87 3.96 6.29
C ALA A 29 4.40 2.75 5.52
N ILE A 30 4.28 2.77 4.17
CA ILE A 30 4.57 1.61 3.31
C ILE A 30 6.02 1.09 3.51
N SER A 31 6.97 2.03 3.67
CA SER A 31 8.41 1.71 3.90
C SER A 31 8.64 1.03 5.26
N GLN A 32 7.91 1.47 6.31
CA GLN A 32 8.00 0.88 7.67
C GLN A 32 7.30 -0.49 7.74
N MET A 33 6.29 -0.69 6.87
CA MET A 33 5.55 -1.97 6.72
C MET A 33 6.49 -3.03 6.09
N VAL A 34 7.31 -2.55 5.14
CA VAL A 34 8.37 -3.32 4.47
C VAL A 34 9.49 -3.69 5.47
N ARG A 35 9.99 -2.68 6.21
CA ARG A 35 11.11 -2.82 7.16
C ARG A 35 10.71 -3.63 8.41
N ALA A 36 9.39 -3.66 8.71
CA ALA A 36 8.82 -4.47 9.81
C ALA A 36 9.04 -5.98 9.54
N GLY A 37 9.33 -6.32 8.27
CA GLY A 37 9.47 -7.71 7.85
C GLY A 37 8.13 -8.42 7.75
N ARG A 38 7.06 -7.62 7.69
CA ARG A 38 5.68 -8.12 7.62
C ARG A 38 5.23 -8.08 6.15
N CYS A 39 4.94 -9.27 5.58
CA CYS A 39 4.38 -9.40 4.23
C CYS A 39 2.93 -8.87 4.26
N ILE A 40 2.61 -7.90 3.40
CA ILE A 40 1.33 -7.19 3.41
C ILE A 40 0.43 -7.66 2.25
N ASP A 41 -0.90 -7.64 2.48
CA ASP A 41 -1.91 -7.89 1.46
C ASP A 41 -2.63 -6.58 1.14
N ILE A 42 -2.75 -6.29 -0.16
CA ILE A 42 -3.42 -5.10 -0.69
C ILE A 42 -4.82 -5.52 -1.19
N GLU A 43 -5.85 -4.98 -0.55
CA GLU A 43 -7.24 -5.18 -0.95
C GLU A 43 -7.52 -4.40 -2.26
N LEU A 44 -7.60 -5.15 -3.37
CA LEU A 44 -7.96 -4.63 -4.68
C LEU A 44 -9.47 -4.82 -4.91
N TYR A 45 -10.18 -3.70 -5.02
CA TYR A 45 -11.62 -3.64 -5.28
C TYR A 45 -11.89 -3.74 -6.80
N THR A 46 -13.10 -4.21 -7.17
CA THR A 46 -13.53 -4.44 -8.57
C THR A 46 -13.55 -3.12 -9.39
N ASP A 47 -13.94 -2.02 -8.72
CA ASP A 47 -14.06 -0.68 -9.35
C ASP A 47 -12.68 -0.06 -9.65
N GLY A 48 -11.61 -0.67 -9.10
CA GLY A 48 -10.23 -0.24 -9.35
C GLY A 48 -9.61 0.49 -8.17
N ARG A 49 -10.40 0.75 -7.11
CA ARG A 49 -9.88 1.34 -5.86
C ARG A 49 -9.02 0.30 -5.14
N VAL A 50 -8.04 0.78 -4.37
CA VAL A 50 -7.19 -0.06 -3.51
C VAL A 50 -7.18 0.48 -2.08
N GLU A 51 -6.97 -0.43 -1.14
CA GLU A 51 -6.87 -0.13 0.28
C GLU A 51 -5.97 -1.20 0.91
N CYS A 52 -5.09 -0.81 1.82
CA CYS A 52 -4.19 -1.75 2.49
C CYS A 52 -4.84 -2.16 3.81
N ARG A 53 -5.35 -3.39 3.85
CA ARG A 53 -6.08 -3.97 5.00
C ARG A 53 -5.20 -4.00 6.28
N GLU A 54 -3.87 -4.15 6.10
CA GLU A 54 -2.90 -4.20 7.22
C GLU A 54 -2.60 -2.79 7.75
N LEU A 55 -2.51 -1.81 6.84
CA LEU A 55 -2.08 -0.45 7.15
C LEU A 55 -3.22 0.31 7.83
N ARG A 56 -3.15 0.31 9.15
CA ARG A 56 -3.94 1.19 10.02
C ARG A 56 -3.49 2.66 9.86
N PRO A 57 -4.44 3.66 9.89
CA PRO A 57 -4.09 5.10 9.96
C PRO A 57 -3.46 5.49 11.32
N ASP A 58 -3.45 4.54 12.29
CA ASP A 58 -2.88 4.74 13.64
C ASP A 58 -1.35 4.69 13.60
N VAL A 59 -0.81 4.01 12.57
CA VAL A 59 0.65 3.78 12.39
C VAL A 59 1.42 5.12 12.44
N PHE A 60 0.86 6.17 11.83
CA PHE A 60 1.41 7.55 11.83
C PHE A 60 0.26 8.56 11.94
N GLY A 61 0.54 9.85 11.66
CA GLY A 61 -0.48 10.88 11.49
C GLY A 61 -1.33 10.63 10.25
N ALA A 62 -0.73 9.86 9.30
CA ALA A 62 -1.37 9.40 8.06
C ALA A 62 -1.66 10.59 7.11
N MET A 1 -13.60 -7.30 -4.52
CA MET A 1 -12.43 -6.91 -3.71
C MET A 1 -11.40 -8.08 -3.70
N LYS A 2 -10.21 -7.82 -4.24
CA LYS A 2 -9.13 -8.82 -4.37
C LYS A 2 -7.80 -8.18 -3.97
N LYS A 3 -6.96 -8.90 -3.21
CA LYS A 3 -5.69 -8.37 -2.69
C LYS A 3 -4.52 -8.66 -3.64
N ILE A 4 -3.56 -7.74 -3.68
CA ILE A 4 -2.26 -7.90 -4.36
C ILE A 4 -1.14 -7.78 -3.30
N PRO A 5 -0.03 -8.56 -3.40
CA PRO A 5 1.15 -8.38 -2.54
C PRO A 5 1.81 -7.01 -2.81
N LEU A 6 2.21 -6.29 -1.74
CA LEU A 6 2.72 -4.90 -1.80
C LEU A 6 3.82 -4.76 -2.85
N SER A 7 4.86 -5.59 -2.68
CA SER A 7 6.05 -5.61 -3.55
C SER A 7 5.68 -5.74 -5.04
N LYS A 8 4.75 -6.67 -5.36
CA LYS A 8 4.28 -6.89 -6.74
C LYS A 8 3.43 -5.70 -7.25
N TYR A 9 2.60 -5.14 -6.35
CA TYR A 9 1.74 -3.97 -6.66
C TYR A 9 2.61 -2.76 -7.07
N LEU A 10 3.71 -2.58 -6.34
CA LEU A 10 4.66 -1.46 -6.53
C LEU A 10 5.38 -1.59 -7.89
N GLU A 11 5.50 -2.84 -8.39
CA GLU A 11 6.07 -3.13 -9.72
C GLU A 11 5.01 -2.98 -10.83
N GLU A 12 3.79 -3.45 -10.55
CA GLU A 12 2.77 -3.73 -11.60
C GLU A 12 1.78 -2.56 -11.78
N HIS A 13 1.10 -2.16 -10.70
CA HIS A 13 -0.05 -1.22 -10.77
C HIS A 13 0.38 0.23 -10.53
N GLY A 14 1.11 0.46 -9.44
CA GLY A 14 1.43 1.82 -9.00
C GLY A 14 2.63 1.83 -8.09
N THR A 15 3.31 2.98 -8.01
CA THR A 15 4.57 3.14 -7.26
C THR A 15 4.29 3.48 -5.80
N GLN A 16 5.36 3.63 -4.99
CA GLN A 16 5.26 3.92 -3.56
C GLN A 16 4.64 5.32 -3.33
N SER A 17 5.00 6.25 -4.25
CA SER A 17 4.46 7.60 -4.29
C SER A 17 2.97 7.59 -4.70
N ALA A 18 2.67 6.81 -5.75
CA ALA A 18 1.29 6.64 -6.29
C ALA A 18 0.36 6.03 -5.25
N LEU A 19 0.90 5.06 -4.50
CA LEU A 19 0.14 4.30 -3.51
C LEU A 19 -0.14 5.18 -2.29
N ALA A 20 0.91 5.85 -1.79
CA ALA A 20 0.81 6.83 -0.67
C ALA A 20 -0.17 7.96 -1.02
N ALA A 21 -0.22 8.34 -2.32
CA ALA A 21 -1.19 9.34 -2.84
C ALA A 21 -2.64 8.80 -2.75
N ALA A 22 -2.79 7.49 -3.06
CA ALA A 22 -4.10 6.78 -3.01
C ALA A 22 -4.52 6.49 -1.57
N LEU A 23 -3.54 6.45 -0.64
CA LEU A 23 -3.81 6.23 0.81
C LEU A 23 -3.91 7.58 1.55
N GLY A 24 -3.49 8.68 0.88
CA GLY A 24 -3.44 10.02 1.48
C GLY A 24 -2.33 10.16 2.54
N VAL A 25 -1.36 9.22 2.51
CA VAL A 25 -0.25 9.16 3.49
C VAL A 25 1.08 9.55 2.82
N ASN A 26 2.14 9.65 3.63
CA ASN A 26 3.51 9.85 3.14
C ASN A 26 4.18 8.48 2.89
N GLN A 27 5.25 8.48 2.09
CA GLN A 27 6.03 7.27 1.76
C GLN A 27 6.75 6.70 2.99
N SER A 28 6.88 7.50 4.07
CA SER A 28 7.44 7.07 5.37
C SER A 28 6.68 5.86 5.94
N ALA A 29 5.34 5.91 5.78
CA ALA A 29 4.41 4.82 6.14
C ALA A 29 4.77 3.57 5.33
N ILE A 30 4.82 3.73 3.99
CA ILE A 30 5.12 2.62 3.05
C ILE A 30 6.51 1.98 3.36
N SER A 31 7.49 2.85 3.68
CA SER A 31 8.88 2.45 3.99
C SER A 31 8.95 1.65 5.30
N GLN A 32 8.14 2.04 6.30
CA GLN A 32 8.05 1.33 7.60
C GLN A 32 7.51 -0.10 7.41
N MET A 33 6.52 -0.20 6.51
CA MET A 33 5.85 -1.45 6.13
C MET A 33 6.82 -2.39 5.37
N VAL A 34 7.68 -1.77 4.54
CA VAL A 34 8.72 -2.47 3.75
C VAL A 34 9.86 -2.99 4.67
N ARG A 35 10.33 -2.13 5.59
CA ARG A 35 11.43 -2.46 6.53
C ARG A 35 10.97 -3.44 7.62
N ALA A 36 9.64 -3.55 7.82
CA ALA A 36 9.04 -4.52 8.75
C ALA A 36 9.31 -5.97 8.28
N GLY A 37 9.50 -6.12 6.94
CA GLY A 37 9.73 -7.42 6.33
C GLY A 37 8.46 -8.23 6.16
N ARG A 38 7.31 -7.58 6.42
CA ARG A 38 5.97 -8.19 6.31
C ARG A 38 5.40 -7.92 4.92
N CYS A 39 5.09 -9.00 4.18
CA CYS A 39 4.39 -8.93 2.88
C CYS A 39 2.97 -8.37 3.11
N ILE A 40 2.70 -7.21 2.51
CA ILE A 40 1.48 -6.43 2.80
C ILE A 40 0.39 -6.70 1.74
N ASP A 41 -0.87 -6.67 2.19
CA ASP A 41 -2.04 -6.87 1.33
C ASP A 41 -2.61 -5.49 0.89
N ILE A 42 -2.62 -5.23 -0.42
CA ILE A 42 -3.22 -4.02 -1.02
C ILE A 42 -4.57 -4.40 -1.62
N GLU A 43 -5.65 -3.86 -1.05
CA GLU A 43 -7.01 -4.15 -1.48
C GLU A 43 -7.32 -3.46 -2.82
N LEU A 44 -7.71 -4.25 -3.81
CA LEU A 44 -8.04 -3.81 -5.17
C LEU A 44 -9.54 -3.87 -5.39
N TYR A 45 -10.15 -2.69 -5.55
CA TYR A 45 -11.53 -2.55 -6.01
C TYR A 45 -11.51 -2.38 -7.54
N THR A 46 -12.46 -3.03 -8.23
CA THR A 46 -12.48 -3.13 -9.70
C THR A 46 -12.69 -1.76 -10.38
N ASP A 47 -13.22 -0.77 -9.62
CA ASP A 47 -13.48 0.59 -10.14
C ASP A 47 -12.17 1.43 -10.21
N GLY A 48 -11.05 0.83 -9.78
CA GLY A 48 -9.71 1.43 -9.90
C GLY A 48 -9.13 1.88 -8.56
N ARG A 49 -10.00 1.98 -7.53
CA ARG A 49 -9.61 2.44 -6.19
C ARG A 49 -8.89 1.33 -5.42
N VAL A 50 -7.86 1.73 -4.67
CA VAL A 50 -7.09 0.84 -3.80
C VAL A 50 -7.01 1.44 -2.40
N GLU A 51 -6.80 0.55 -1.42
CA GLU A 51 -6.55 0.92 -0.03
C GLU A 51 -5.75 -0.19 0.64
N CYS A 52 -4.84 0.17 1.54
CA CYS A 52 -4.07 -0.80 2.32
C CYS A 52 -4.72 -0.93 3.70
N ARG A 53 -5.46 -2.03 3.94
CA ARG A 53 -6.17 -2.27 5.22
C ARG A 53 -5.17 -2.56 6.37
N GLU A 54 -3.96 -2.98 5.96
CA GLU A 54 -2.80 -3.12 6.85
C GLU A 54 -2.29 -1.75 7.33
N LEU A 55 -2.40 -0.73 6.45
CA LEU A 55 -1.85 0.61 6.68
C LEU A 55 -2.98 1.53 7.16
N ARG A 56 -3.02 1.75 8.47
CA ARG A 56 -3.85 2.78 9.10
C ARG A 56 -3.03 4.09 9.16
N PRO A 57 -3.67 5.30 9.01
CA PRO A 57 -2.95 6.62 9.05
C PRO A 57 -2.32 6.91 10.44
N ASP A 58 -2.61 6.05 11.42
CA ASP A 58 -2.10 6.15 12.80
C ASP A 58 -0.61 5.74 12.87
N VAL A 59 -0.12 5.09 11.78
CA VAL A 59 1.29 4.64 11.61
C VAL A 59 2.31 5.80 11.79
N PHE A 60 1.83 7.04 11.57
CA PHE A 60 2.61 8.27 11.72
C PHE A 60 3.03 8.48 13.18
N GLY A 61 4.34 8.37 13.45
CA GLY A 61 4.90 8.51 14.80
C GLY A 61 4.71 7.24 15.66
N ALA A 62 4.23 6.15 15.03
CA ALA A 62 3.93 4.86 15.69
C ALA A 62 4.96 3.82 15.20
N MET A 1 -12.46 -7.94 -4.29
CA MET A 1 -11.16 -7.27 -4.53
C MET A 1 -10.11 -8.28 -5.02
N LYS A 2 -9.03 -7.76 -5.62
CA LYS A 2 -7.92 -8.56 -6.19
C LYS A 2 -6.68 -8.43 -5.28
N LYS A 3 -6.31 -9.54 -4.65
CA LYS A 3 -5.20 -9.58 -3.68
C LYS A 3 -3.84 -9.65 -4.41
N ILE A 4 -3.12 -8.53 -4.43
CA ILE A 4 -1.79 -8.42 -5.06
C ILE A 4 -0.70 -8.40 -3.97
N PRO A 5 0.46 -9.09 -4.18
CA PRO A 5 1.65 -8.95 -3.30
C PRO A 5 2.25 -7.54 -3.44
N LEU A 6 2.75 -6.97 -2.32
CA LEU A 6 3.28 -5.59 -2.26
C LEU A 6 4.32 -5.35 -3.36
N SER A 7 5.35 -6.22 -3.37
CA SER A 7 6.47 -6.14 -4.32
C SER A 7 5.98 -6.15 -5.78
N LYS A 8 5.07 -7.11 -6.08
CA LYS A 8 4.50 -7.32 -7.43
C LYS A 8 3.72 -6.07 -7.91
N TYR A 9 2.99 -5.44 -6.96
CA TYR A 9 2.22 -4.23 -7.22
C TYR A 9 3.16 -3.07 -7.57
N LEU A 10 4.20 -2.90 -6.72
CA LEU A 10 5.15 -1.77 -6.79
C LEU A 10 5.91 -1.74 -8.12
N GLU A 11 6.15 -2.93 -8.69
CA GLU A 11 6.86 -3.08 -9.95
C GLU A 11 5.93 -2.78 -11.16
N GLU A 12 4.72 -3.39 -11.15
CA GLU A 12 3.85 -3.40 -12.35
C GLU A 12 2.71 -2.35 -12.30
N HIS A 13 1.88 -2.42 -11.25
CA HIS A 13 0.54 -1.77 -11.23
C HIS A 13 0.59 -0.33 -10.70
N GLY A 14 1.67 0.01 -10.01
CA GLY A 14 1.86 1.35 -9.46
C GLY A 14 2.98 1.36 -8.45
N THR A 15 3.67 2.49 -8.31
CA THR A 15 4.87 2.61 -7.48
C THR A 15 4.49 2.91 -6.02
N GLN A 16 5.50 3.13 -5.17
CA GLN A 16 5.32 3.42 -3.74
C GLN A 16 4.66 4.80 -3.57
N SER A 17 4.99 5.71 -4.51
CA SER A 17 4.42 7.06 -4.60
C SER A 17 2.95 7.00 -5.03
N ALA A 18 2.67 6.16 -6.07
CA ALA A 18 1.31 5.94 -6.59
C ALA A 18 0.41 5.26 -5.54
N LEU A 19 1.02 4.33 -4.80
CA LEU A 19 0.33 3.52 -3.82
C LEU A 19 -0.07 4.39 -2.63
N ALA A 20 0.93 5.09 -2.05
CA ALA A 20 0.75 6.03 -0.94
C ALA A 20 -0.24 7.16 -1.30
N ALA A 21 -0.22 7.61 -2.57
CA ALA A 21 -1.16 8.64 -3.07
C ALA A 21 -2.62 8.13 -2.98
N ALA A 22 -2.82 6.88 -3.38
CA ALA A 22 -4.15 6.22 -3.37
C ALA A 22 -4.63 5.97 -1.92
N LEU A 23 -3.68 5.54 -1.06
CA LEU A 23 -3.96 5.24 0.36
C LEU A 23 -4.19 6.54 1.16
N GLY A 24 -3.63 7.66 0.65
CA GLY A 24 -3.68 8.96 1.35
C GLY A 24 -2.69 9.02 2.51
N VAL A 25 -1.49 8.46 2.26
CA VAL A 25 -0.38 8.35 3.25
C VAL A 25 0.95 8.76 2.58
N ASN A 26 2.03 8.79 3.38
CA ASN A 26 3.40 9.03 2.89
C ASN A 26 4.09 7.68 2.56
N GLN A 27 5.19 7.76 1.79
CA GLN A 27 6.05 6.60 1.48
C GLN A 27 6.82 6.15 2.74
N SER A 28 6.86 7.03 3.77
CA SER A 28 7.36 6.72 5.12
C SER A 28 6.66 5.47 5.69
N ALA A 29 5.33 5.38 5.42
CA ALA A 29 4.53 4.19 5.76
C ALA A 29 5.04 2.98 4.99
N ILE A 30 4.97 3.06 3.65
CA ILE A 30 5.24 1.91 2.73
C ILE A 30 6.62 1.27 3.01
N SER A 31 7.62 2.15 3.25
CA SER A 31 9.00 1.74 3.57
C SER A 31 9.05 0.98 4.91
N GLN A 32 8.36 1.50 5.95
CA GLN A 32 8.33 0.90 7.30
C GLN A 32 7.65 -0.48 7.27
N MET A 33 6.61 -0.60 6.42
CA MET A 33 5.86 -1.85 6.19
C MET A 33 6.78 -2.92 5.56
N VAL A 34 7.73 -2.42 4.74
CA VAL A 34 8.82 -3.22 4.14
C VAL A 34 9.92 -3.55 5.18
N ARG A 35 10.22 -2.59 6.10
CA ARG A 35 11.27 -2.74 7.14
C ARG A 35 10.83 -3.71 8.25
N ALA A 36 9.51 -3.97 8.30
CA ALA A 36 8.92 -4.99 9.19
C ALA A 36 9.36 -6.41 8.78
N GLY A 37 9.82 -6.54 7.51
CA GLY A 37 10.20 -7.82 6.93
C GLY A 37 9.01 -8.65 6.50
N ARG A 38 7.81 -8.05 6.62
CA ARG A 38 6.52 -8.70 6.34
C ARG A 38 6.09 -8.35 4.90
N CYS A 39 5.68 -9.36 4.14
CA CYS A 39 5.10 -9.19 2.80
C CYS A 39 3.67 -8.67 2.95
N ILE A 40 3.38 -7.52 2.34
CA ILE A 40 2.10 -6.82 2.50
C ILE A 40 1.17 -7.16 1.32
N ASP A 41 -0.14 -7.20 1.58
CA ASP A 41 -1.16 -7.38 0.54
C ASP A 41 -1.74 -6.01 0.13
N ILE A 42 -2.06 -5.88 -1.17
CA ILE A 42 -2.64 -4.66 -1.76
C ILE A 42 -3.96 -5.08 -2.48
N GLU A 43 -5.10 -4.73 -1.86
CA GLU A 43 -6.42 -5.05 -2.40
C GLU A 43 -6.82 -4.05 -3.51
N LEU A 44 -6.66 -4.51 -4.75
CA LEU A 44 -6.94 -3.76 -5.98
C LEU A 44 -8.44 -3.89 -6.33
N TYR A 45 -9.09 -2.74 -6.51
CA TYR A 45 -10.49 -2.64 -6.94
C TYR A 45 -10.58 -2.60 -8.49
N THR A 46 -11.75 -3.01 -9.03
CA THR A 46 -11.98 -3.16 -10.47
C THR A 46 -12.02 -1.80 -11.21
N ASP A 47 -12.33 -0.71 -10.48
CA ASP A 47 -12.36 0.66 -11.05
C ASP A 47 -10.93 1.22 -11.22
N GLY A 48 -9.94 0.56 -10.57
CA GLY A 48 -8.52 0.95 -10.67
C GLY A 48 -7.93 1.45 -9.36
N ARG A 49 -8.80 1.74 -8.36
CA ARG A 49 -8.38 2.12 -6.98
C ARG A 49 -7.67 0.97 -6.26
N VAL A 50 -6.96 1.29 -5.16
CA VAL A 50 -6.34 0.30 -4.26
C VAL A 50 -6.49 0.73 -2.80
N GLU A 51 -6.48 -0.27 -1.91
CA GLU A 51 -6.48 -0.06 -0.45
C GLU A 51 -5.75 -1.22 0.22
N CYS A 52 -4.77 -0.88 1.07
CA CYS A 52 -3.98 -1.86 1.81
C CYS A 52 -4.59 -2.02 3.22
N ARG A 53 -4.90 -3.27 3.59
CA ARG A 53 -5.47 -3.63 4.90
C ARG A 53 -4.41 -3.48 6.00
N GLU A 54 -3.17 -3.93 5.68
CA GLU A 54 -2.02 -3.88 6.61
C GLU A 54 -1.55 -2.44 6.84
N LEU A 55 -1.92 -1.53 5.93
CA LEU A 55 -1.72 -0.10 6.12
C LEU A 55 -2.74 0.39 7.15
N ARG A 56 -2.32 0.38 8.40
CA ARG A 56 -2.99 1.13 9.47
C ARG A 56 -2.46 2.57 9.42
N PRO A 57 -3.35 3.61 9.43
CA PRO A 57 -2.93 5.04 9.55
C PRO A 57 -2.07 5.31 10.82
N ASP A 58 -2.23 4.43 11.83
CA ASP A 58 -1.52 4.47 13.13
C ASP A 58 0.02 4.39 12.96
N VAL A 59 0.44 3.80 11.82
CA VAL A 59 1.87 3.64 11.42
C VAL A 59 2.71 4.93 11.63
N PHE A 60 2.09 6.10 11.42
CA PHE A 60 2.76 7.41 11.60
C PHE A 60 1.78 8.50 12.09
N GLY A 61 0.58 8.07 12.54
CA GLY A 61 -0.46 8.99 12.99
C GLY A 61 -0.99 9.85 11.83
N ALA A 62 -1.58 9.16 10.85
CA ALA A 62 -2.07 9.76 9.61
C ALA A 62 -3.44 10.42 9.81
N MET A 1 -13.28 -7.44 -3.90
CA MET A 1 -11.93 -7.58 -3.33
C MET A 1 -11.08 -8.50 -4.21
N LYS A 2 -9.91 -7.97 -4.63
CA LYS A 2 -8.96 -8.65 -5.51
C LYS A 2 -7.57 -8.57 -4.85
N LYS A 3 -7.02 -9.72 -4.47
CA LYS A 3 -5.79 -9.77 -3.68
C LYS A 3 -4.54 -9.67 -4.58
N ILE A 4 -3.62 -8.77 -4.21
CA ILE A 4 -2.33 -8.56 -4.91
C ILE A 4 -1.18 -8.58 -3.88
N PRO A 5 0.00 -9.17 -4.22
CA PRO A 5 1.23 -9.04 -3.40
C PRO A 5 1.76 -7.59 -3.44
N LEU A 6 2.19 -7.05 -2.28
CA LEU A 6 2.67 -5.65 -2.14
C LEU A 6 3.71 -5.32 -3.21
N SER A 7 4.72 -6.18 -3.30
CA SER A 7 5.84 -6.06 -4.24
C SER A 7 5.36 -6.00 -5.71
N LYS A 8 4.40 -6.89 -6.06
CA LYS A 8 3.89 -7.01 -7.44
C LYS A 8 3.09 -5.77 -7.86
N TYR A 9 2.32 -5.22 -6.89
CA TYR A 9 1.56 -3.99 -7.09
C TYR A 9 2.53 -2.82 -7.34
N LEU A 10 3.61 -2.77 -6.54
CA LEU A 10 4.60 -1.69 -6.58
C LEU A 10 5.46 -1.72 -7.86
N GLU A 11 5.40 -2.82 -8.65
CA GLU A 11 6.05 -2.87 -9.98
C GLU A 11 5.16 -2.23 -11.06
N GLU A 12 3.93 -2.76 -11.22
CA GLU A 12 3.12 -2.53 -12.42
C GLU A 12 1.98 -1.53 -12.19
N HIS A 13 1.30 -1.66 -11.05
CA HIS A 13 0.02 -0.97 -10.80
C HIS A 13 0.26 0.42 -10.18
N GLY A 14 1.46 0.63 -9.62
CA GLY A 14 1.82 1.92 -9.03
C GLY A 14 3.19 1.89 -8.36
N THR A 15 3.69 3.07 -7.97
CA THR A 15 4.88 3.22 -7.12
C THR A 15 4.46 3.26 -5.64
N GLN A 16 5.43 3.45 -4.74
CA GLN A 16 5.15 3.61 -3.30
C GLN A 16 4.52 4.99 -3.04
N SER A 17 4.93 5.98 -3.87
CA SER A 17 4.32 7.31 -3.91
C SER A 17 2.84 7.22 -4.33
N ALA A 18 2.61 6.45 -5.41
CA ALA A 18 1.27 6.23 -5.98
C ALA A 18 0.36 5.52 -4.98
N LEU A 19 0.93 4.51 -4.30
CA LEU A 19 0.19 3.66 -3.37
C LEU A 19 -0.22 4.47 -2.12
N ALA A 20 0.79 5.12 -1.50
CA ALA A 20 0.59 5.97 -0.31
C ALA A 20 -0.39 7.12 -0.58
N ALA A 21 -0.27 7.75 -1.77
CA ALA A 21 -1.17 8.83 -2.19
C ALA A 21 -2.61 8.32 -2.34
N ALA A 22 -2.75 7.08 -2.84
CA ALA A 22 -4.04 6.40 -3.02
C ALA A 22 -4.68 6.06 -1.66
N LEU A 23 -3.83 5.74 -0.67
CA LEU A 23 -4.27 5.40 0.71
C LEU A 23 -4.45 6.69 1.57
N GLY A 24 -3.98 7.84 1.02
CA GLY A 24 -4.07 9.16 1.69
C GLY A 24 -2.99 9.38 2.75
N VAL A 25 -1.94 8.54 2.71
CA VAL A 25 -0.84 8.53 3.71
C VAL A 25 0.50 8.95 3.08
N ASN A 26 1.55 8.98 3.91
CA ASN A 26 2.95 9.21 3.48
C ASN A 26 3.61 7.86 3.16
N GLN A 27 4.71 7.88 2.38
CA GLN A 27 5.47 6.66 2.00
C GLN A 27 6.14 6.00 3.22
N SER A 28 6.32 6.78 4.31
CA SER A 28 6.88 6.29 5.58
C SER A 28 6.04 5.12 6.16
N ALA A 29 4.71 5.21 5.99
CA ALA A 29 3.77 4.12 6.32
C ALA A 29 4.15 2.84 5.57
N ILE A 30 4.28 2.96 4.24
CA ILE A 30 4.64 1.85 3.34
C ILE A 30 6.02 1.28 3.74
N SER A 31 6.95 2.17 4.13
CA SER A 31 8.34 1.82 4.47
C SER A 31 8.42 1.04 5.80
N GLN A 32 7.55 1.39 6.78
CA GLN A 32 7.48 0.68 8.08
C GLN A 32 6.96 -0.76 7.86
N MET A 33 5.97 -0.87 6.98
CA MET A 33 5.33 -2.16 6.60
C MET A 33 6.30 -3.08 5.84
N VAL A 34 7.08 -2.45 4.93
CA VAL A 34 8.09 -3.12 4.10
C VAL A 34 9.27 -3.61 4.98
N ARG A 35 9.85 -2.70 5.78
CA ARG A 35 11.06 -2.98 6.57
C ARG A 35 10.76 -3.80 7.83
N ALA A 36 9.46 -3.94 8.17
CA ALA A 36 9.01 -4.85 9.26
C ALA A 36 9.14 -6.33 8.84
N GLY A 37 9.43 -6.57 7.54
CA GLY A 37 9.50 -7.93 6.98
C GLY A 37 8.13 -8.51 6.71
N ARG A 38 7.10 -7.65 6.83
CA ARG A 38 5.71 -8.04 6.62
C ARG A 38 5.38 -7.93 5.13
N CYS A 39 5.15 -9.08 4.49
CA CYS A 39 4.71 -9.15 3.10
C CYS A 39 3.19 -8.86 3.08
N ILE A 40 2.82 -7.69 2.52
CA ILE A 40 1.47 -7.12 2.68
C ILE A 40 0.64 -7.44 1.44
N ASP A 41 -0.63 -7.77 1.65
CA ASP A 41 -1.57 -7.99 0.54
C ASP A 41 -2.38 -6.70 0.32
N ILE A 42 -2.33 -6.18 -0.91
CA ILE A 42 -3.06 -4.98 -1.32
C ILE A 42 -4.49 -5.36 -1.70
N GLU A 43 -5.45 -4.68 -1.05
CA GLU A 43 -6.87 -4.83 -1.33
C GLU A 43 -7.22 -3.96 -2.55
N LEU A 44 -7.24 -4.59 -3.73
CA LEU A 44 -7.62 -3.95 -5.00
C LEU A 44 -9.14 -4.14 -5.20
N TYR A 45 -9.84 -3.04 -5.44
CA TYR A 45 -11.26 -3.06 -5.78
C TYR A 45 -11.43 -3.28 -7.28
N THR A 46 -12.58 -3.84 -7.64
CA THR A 46 -12.91 -4.22 -9.02
C THR A 46 -13.08 -3.00 -9.95
N ASP A 47 -13.38 -1.82 -9.37
CA ASP A 47 -13.53 -0.56 -10.14
C ASP A 47 -12.16 0.02 -10.54
N GLY A 48 -11.10 -0.43 -9.83
CA GLY A 48 -9.75 0.03 -10.07
C GLY A 48 -9.14 0.78 -8.90
N ARG A 49 -9.96 1.15 -7.89
CA ARG A 49 -9.45 1.78 -6.64
C ARG A 49 -8.64 0.77 -5.79
N VAL A 50 -7.84 1.29 -4.85
CA VAL A 50 -7.17 0.49 -3.82
C VAL A 50 -7.30 1.18 -2.47
N GLU A 51 -7.51 0.39 -1.41
CA GLU A 51 -7.48 0.87 -0.04
C GLU A 51 -7.16 -0.33 0.84
N CYS A 52 -6.07 -0.22 1.60
CA CYS A 52 -5.46 -1.34 2.30
C CYS A 52 -5.97 -1.39 3.75
N ARG A 53 -6.52 -2.54 4.15
CA ARG A 53 -6.95 -2.79 5.54
C ARG A 53 -5.71 -2.83 6.46
N GLU A 54 -4.63 -3.43 5.95
CA GLU A 54 -3.37 -3.61 6.68
C GLU A 54 -2.68 -2.24 6.91
N LEU A 55 -2.84 -1.33 5.92
CA LEU A 55 -2.32 0.03 6.01
C LEU A 55 -3.50 0.97 6.34
N ARG A 56 -3.79 1.09 7.63
CA ARG A 56 -4.69 2.12 8.16
C ARG A 56 -3.89 3.43 8.37
N PRO A 57 -4.55 4.64 8.33
CA PRO A 57 -3.96 5.91 8.83
C PRO A 57 -3.26 5.78 10.21
N ASP A 58 -3.80 4.90 11.05
CA ASP A 58 -3.39 4.74 12.47
C ASP A 58 -1.96 4.18 12.60
N VAL A 59 -1.41 3.65 11.47
CA VAL A 59 -0.04 3.13 11.37
C VAL A 59 1.02 4.16 11.86
N PHE A 60 0.73 5.46 11.69
CA PHE A 60 1.65 6.54 12.13
C PHE A 60 0.89 7.84 12.43
N GLY A 61 -0.44 7.75 12.55
CA GLY A 61 -1.29 8.90 12.86
C GLY A 61 -1.48 9.82 11.67
N ALA A 62 -2.17 9.30 10.64
CA ALA A 62 -2.45 10.01 9.39
C ALA A 62 -3.97 10.34 9.31
N MET A 1 -11.49 -9.30 -3.41
CA MET A 1 -10.11 -8.82 -3.71
C MET A 1 -9.24 -9.99 -4.22
N LYS A 2 -8.40 -9.72 -5.24
CA LYS A 2 -7.35 -10.66 -5.66
C LYS A 2 -6.02 -10.22 -5.01
N LYS A 3 -5.27 -11.17 -4.45
CA LYS A 3 -4.00 -10.88 -3.75
C LYS A 3 -2.87 -10.66 -4.77
N ILE A 4 -2.07 -9.63 -4.51
CA ILE A 4 -0.80 -9.39 -5.20
C ILE A 4 0.32 -9.44 -4.15
N PRO A 5 1.51 -10.02 -4.48
CA PRO A 5 2.70 -9.91 -3.62
C PRO A 5 3.12 -8.43 -3.56
N LEU A 6 3.39 -7.92 -2.32
CA LEU A 6 3.78 -6.51 -2.08
C LEU A 6 4.83 -6.05 -3.09
N SER A 7 5.86 -6.90 -3.27
CA SER A 7 6.96 -6.68 -4.21
C SER A 7 6.44 -6.52 -5.66
N LYS A 8 5.68 -7.53 -6.16
CA LYS A 8 5.19 -7.57 -7.57
C LYS A 8 4.24 -6.42 -7.90
N TYR A 9 3.58 -5.88 -6.87
CA TYR A 9 2.77 -4.66 -7.01
C TYR A 9 3.71 -3.46 -7.23
N LEU A 10 4.69 -3.31 -6.33
CA LEU A 10 5.65 -2.19 -6.33
C LEU A 10 6.59 -2.22 -7.56
N GLU A 11 6.71 -3.40 -8.18
CA GLU A 11 7.52 -3.62 -9.40
C GLU A 11 6.71 -3.29 -10.66
N GLU A 12 5.54 -3.96 -10.78
CA GLU A 12 4.80 -4.08 -12.06
C GLU A 12 3.46 -3.32 -12.02
N HIS A 13 2.68 -3.54 -10.96
CA HIS A 13 1.28 -3.03 -10.87
C HIS A 13 1.21 -1.62 -10.23
N GLY A 14 2.37 -1.03 -9.91
CA GLY A 14 2.45 0.29 -9.29
C GLY A 14 3.84 0.60 -8.76
N THR A 15 3.96 1.66 -7.96
CA THR A 15 5.18 2.01 -7.23
C THR A 15 4.85 2.14 -5.74
N GLN A 16 5.88 2.42 -4.90
CA GLN A 16 5.66 2.72 -3.47
C GLN A 16 4.90 4.05 -3.35
N SER A 17 5.24 4.97 -4.27
CA SER A 17 4.58 6.27 -4.43
C SER A 17 3.08 6.10 -4.73
N ALA A 18 2.77 5.24 -5.71
CA ALA A 18 1.39 4.98 -6.16
C ALA A 18 0.56 4.33 -5.07
N LEU A 19 1.18 3.34 -4.40
CA LEU A 19 0.51 2.55 -3.37
C LEU A 19 0.14 3.47 -2.19
N ALA A 20 1.14 4.22 -1.71
CA ALA A 20 0.98 5.21 -0.64
C ALA A 20 -0.05 6.29 -1.00
N ALA A 21 -0.05 6.71 -2.28
CA ALA A 21 -1.01 7.72 -2.79
C ALA A 21 -2.45 7.19 -2.75
N ALA A 22 -2.62 5.90 -3.07
CA ALA A 22 -3.93 5.22 -3.07
C ALA A 22 -4.45 5.06 -1.64
N LEU A 23 -3.53 4.77 -0.71
CA LEU A 23 -3.85 4.57 0.72
C LEU A 23 -4.05 5.92 1.46
N GLY A 24 -3.47 7.00 0.89
CA GLY A 24 -3.46 8.32 1.53
C GLY A 24 -2.42 8.42 2.65
N VAL A 25 -1.37 7.59 2.52
CA VAL A 25 -0.25 7.50 3.47
C VAL A 25 1.06 7.95 2.80
N ASN A 26 2.13 8.14 3.59
CA ASN A 26 3.48 8.40 3.06
C ASN A 26 4.19 7.04 2.78
N GLN A 27 5.16 7.06 1.84
CA GLN A 27 5.94 5.86 1.44
C GLN A 27 6.72 5.23 2.61
N SER A 28 6.96 6.04 3.67
CA SER A 28 7.62 5.59 4.91
C SER A 28 6.94 4.33 5.48
N ALA A 29 5.59 4.34 5.45
CA ALA A 29 4.77 3.18 5.80
C ALA A 29 5.10 1.96 4.95
N ILE A 30 5.00 2.14 3.62
CA ILE A 30 5.16 1.06 2.63
C ILE A 30 6.57 0.41 2.74
N SER A 31 7.59 1.26 2.93
CA SER A 31 8.98 0.85 3.02
C SER A 31 9.26 0.12 4.35
N GLN A 32 8.60 0.53 5.46
CA GLN A 32 8.73 -0.18 6.76
C GLN A 32 8.04 -1.56 6.71
N MET A 33 6.98 -1.66 5.87
CA MET A 33 6.27 -2.92 5.58
C MET A 33 7.17 -3.87 4.74
N VAL A 34 7.97 -3.27 3.86
CA VAL A 34 9.01 -3.96 3.07
C VAL A 34 10.16 -4.45 4.00
N ARG A 35 10.63 -3.55 4.89
CA ARG A 35 11.78 -3.78 5.79
C ARG A 35 11.42 -4.67 6.99
N ALA A 36 10.11 -4.87 7.22
CA ALA A 36 9.59 -5.73 8.31
C ALA A 36 9.95 -7.20 8.08
N GLY A 37 10.13 -7.58 6.79
CA GLY A 37 10.36 -8.99 6.42
C GLY A 37 9.09 -9.81 6.49
N ARG A 38 7.95 -9.13 6.62
CA ARG A 38 6.63 -9.73 6.74
C ARG A 38 5.96 -9.64 5.36
N CYS A 39 5.54 -10.80 4.80
CA CYS A 39 4.91 -10.87 3.47
C CYS A 39 3.53 -10.17 3.50
N ILE A 40 3.42 -9.07 2.74
CA ILE A 40 2.18 -8.28 2.66
C ILE A 40 1.43 -8.60 1.36
N ASP A 41 0.12 -8.87 1.47
CA ASP A 41 -0.76 -9.05 0.31
C ASP A 41 -1.46 -7.72 0.00
N ILE A 42 -1.22 -7.19 -1.19
CA ILE A 42 -1.90 -6.02 -1.71
C ILE A 42 -3.23 -6.45 -2.34
N GLU A 43 -4.33 -6.10 -1.67
CA GLU A 43 -5.68 -6.42 -2.12
C GLU A 43 -6.06 -5.54 -3.33
N LEU A 44 -5.90 -6.11 -4.54
CA LEU A 44 -6.34 -5.47 -5.79
C LEU A 44 -7.84 -5.82 -6.00
N TYR A 45 -8.70 -4.83 -5.80
CA TYR A 45 -10.16 -4.93 -6.00
C TYR A 45 -10.51 -5.12 -7.50
N THR A 46 -11.79 -5.44 -7.76
CA THR A 46 -12.30 -5.81 -9.11
C THR A 46 -12.08 -4.70 -10.14
N ASP A 47 -12.25 -3.43 -9.72
CA ASP A 47 -12.13 -2.24 -10.59
C ASP A 47 -10.66 -1.83 -10.79
N GLY A 48 -9.77 -2.34 -9.93
CA GLY A 48 -8.34 -2.02 -9.99
C GLY A 48 -7.88 -1.10 -8.86
N ARG A 49 -8.78 -0.84 -7.88
CA ARG A 49 -8.43 -0.11 -6.65
C ARG A 49 -7.58 -1.01 -5.73
N VAL A 50 -6.79 -0.41 -4.82
CA VAL A 50 -6.04 -1.18 -3.79
C VAL A 50 -6.25 -0.58 -2.41
N GLU A 51 -6.25 -1.44 -1.39
CA GLU A 51 -6.21 -1.03 0.01
C GLU A 51 -5.39 -2.08 0.76
N CYS A 52 -4.37 -1.60 1.50
CA CYS A 52 -3.48 -2.46 2.26
C CYS A 52 -4.01 -2.51 3.70
N ARG A 53 -4.71 -3.60 4.02
CA ARG A 53 -5.38 -3.80 5.32
C ARG A 53 -4.34 -3.90 6.46
N GLU A 54 -3.12 -4.33 6.07
CA GLU A 54 -1.99 -4.55 7.00
C GLU A 54 -1.42 -3.21 7.49
N LEU A 55 -1.60 -2.16 6.67
CA LEU A 55 -1.07 -0.84 6.92
C LEU A 55 -2.24 0.10 7.22
N ARG A 56 -2.35 0.47 8.48
CA ARG A 56 -3.22 1.53 8.95
C ARG A 56 -2.42 2.87 9.02
N PRO A 57 -3.06 4.05 8.74
CA PRO A 57 -2.46 5.40 8.98
C PRO A 57 -2.09 5.68 10.47
N ASP A 58 -2.48 4.75 11.38
CA ASP A 58 -2.19 4.78 12.82
C ASP A 58 -0.67 4.70 13.11
N VAL A 59 0.04 4.04 12.17
CA VAL A 59 1.52 3.90 12.18
C VAL A 59 2.23 5.27 12.16
N PHE A 60 1.54 6.30 11.68
CA PHE A 60 2.07 7.68 11.62
C PHE A 60 1.87 8.42 12.96
N GLY A 61 0.78 8.09 13.68
CA GLY A 61 0.55 8.60 15.03
C GLY A 61 1.22 7.71 16.06
N ALA A 62 2.52 7.46 15.84
CA ALA A 62 3.29 6.43 16.56
C ALA A 62 4.67 7.00 16.95
N MET A 1 -12.50 -7.34 -4.35
CA MET A 1 -11.09 -6.89 -4.42
C MET A 1 -10.21 -8.01 -4.98
N LYS A 2 -9.05 -7.63 -5.56
CA LYS A 2 -8.12 -8.56 -6.25
C LYS A 2 -6.76 -8.50 -5.55
N LYS A 3 -6.10 -9.66 -5.44
CA LYS A 3 -4.85 -9.80 -4.70
C LYS A 3 -3.65 -9.50 -5.61
N ILE A 4 -3.02 -8.34 -5.37
CA ILE A 4 -1.69 -8.02 -5.95
C ILE A 4 -0.67 -7.97 -4.80
N PRO A 5 0.55 -8.55 -4.99
CA PRO A 5 1.66 -8.38 -4.03
C PRO A 5 2.17 -6.92 -4.10
N LEU A 6 2.49 -6.31 -2.93
CA LEU A 6 2.89 -4.90 -2.80
C LEU A 6 3.97 -4.53 -3.82
N SER A 7 5.06 -5.32 -3.82
CA SER A 7 6.21 -5.13 -4.70
C SER A 7 5.81 -5.16 -6.18
N LYS A 8 4.97 -6.15 -6.55
CA LYS A 8 4.54 -6.39 -7.94
C LYS A 8 3.64 -5.27 -8.48
N TYR A 9 2.90 -4.61 -7.56
CA TYR A 9 2.12 -3.41 -7.89
C TYR A 9 3.08 -2.25 -8.21
N LEU A 10 4.12 -2.11 -7.35
CA LEU A 10 5.13 -1.05 -7.45
C LEU A 10 6.07 -1.27 -8.67
N GLU A 11 6.13 -2.53 -9.17
CA GLU A 11 6.94 -2.93 -10.34
C GLU A 11 6.19 -2.68 -11.65
N GLU A 12 4.89 -2.98 -11.66
CA GLU A 12 4.10 -3.10 -12.92
C GLU A 12 3.04 -2.00 -13.07
N HIS A 13 2.23 -1.78 -12.03
CA HIS A 13 0.98 -1.00 -12.13
C HIS A 13 1.20 0.50 -11.83
N GLY A 14 1.93 0.79 -10.75
CA GLY A 14 2.09 2.18 -10.28
C GLY A 14 3.36 2.36 -9.44
N THR A 15 3.60 3.61 -9.03
CA THR A 15 4.68 3.98 -8.09
C THR A 15 4.18 3.92 -6.64
N GLN A 16 5.11 4.12 -5.68
CA GLN A 16 4.76 4.28 -4.26
C GLN A 16 4.12 5.65 -4.04
N SER A 17 4.45 6.60 -4.94
CA SER A 17 3.85 7.94 -4.98
C SER A 17 2.41 7.85 -5.51
N ALA A 18 2.24 7.10 -6.63
CA ALA A 18 0.92 6.83 -7.23
C ALA A 18 0.00 6.12 -6.24
N LEU A 19 0.61 5.14 -5.51
CA LEU A 19 -0.09 4.31 -4.55
C LEU A 19 -0.57 5.16 -3.38
N ALA A 20 0.38 5.90 -2.76
CA ALA A 20 0.11 6.80 -1.62
C ALA A 20 -0.93 7.86 -1.96
N ALA A 21 -0.83 8.43 -3.18
CA ALA A 21 -1.75 9.47 -3.67
C ALA A 21 -3.16 8.89 -3.92
N ALA A 22 -3.22 7.62 -4.34
CA ALA A 22 -4.50 6.89 -4.59
C ALA A 22 -5.17 6.50 -3.26
N LEU A 23 -4.35 6.31 -2.21
CA LEU A 23 -4.84 5.98 -0.86
C LEU A 23 -5.11 7.28 -0.05
N GLY A 24 -4.51 8.40 -0.50
CA GLY A 24 -4.58 9.68 0.21
C GLY A 24 -3.60 9.75 1.39
N VAL A 25 -2.63 8.83 1.40
CA VAL A 25 -1.63 8.68 2.48
C VAL A 25 -0.26 9.23 2.03
N ASN A 26 0.69 9.28 2.98
CA ASN A 26 2.08 9.71 2.69
C ASN A 26 2.91 8.48 2.27
N GLN A 27 3.94 8.70 1.41
CA GLN A 27 4.85 7.63 0.94
C GLN A 27 5.64 7.01 2.09
N SER A 28 5.85 7.79 3.18
CA SER A 28 6.52 7.32 4.40
C SER A 28 5.77 6.13 5.01
N ALA A 29 4.42 6.21 5.04
CA ALA A 29 3.55 5.11 5.49
C ALA A 29 3.78 3.85 4.64
N ILE A 30 3.82 4.01 3.31
CA ILE A 30 4.08 2.91 2.36
C ILE A 30 5.47 2.28 2.64
N SER A 31 6.47 3.15 2.92
CA SER A 31 7.87 2.74 3.19
C SER A 31 8.01 1.97 4.51
N GLN A 32 7.21 2.35 5.54
CA GLN A 32 7.20 1.67 6.86
C GLN A 32 6.59 0.27 6.72
N MET A 33 5.58 0.16 5.84
CA MET A 33 4.88 -1.10 5.50
C MET A 33 5.80 -2.06 4.72
N VAL A 34 6.69 -1.46 3.90
CA VAL A 34 7.76 -2.17 3.17
C VAL A 34 8.86 -2.64 4.17
N ARG A 35 9.29 -1.70 5.04
CA ARG A 35 10.42 -1.90 5.98
C ARG A 35 10.03 -2.72 7.22
N ALA A 36 8.72 -2.98 7.39
CA ALA A 36 8.21 -3.89 8.42
C ALA A 36 8.68 -5.34 8.16
N GLY A 37 9.09 -5.60 6.90
CA GLY A 37 9.47 -6.94 6.45
C GLY A 37 8.26 -7.77 6.07
N ARG A 38 7.08 -7.15 6.11
CA ARG A 38 5.80 -7.79 5.82
C ARG A 38 5.37 -7.47 4.38
N CYS A 39 5.16 -8.52 3.57
CA CYS A 39 4.59 -8.37 2.22
C CYS A 39 3.12 -7.95 2.38
N ILE A 40 2.75 -6.81 1.77
CA ILE A 40 1.39 -6.25 1.88
C ILE A 40 0.58 -6.64 0.62
N ASP A 41 -0.71 -6.87 0.82
CA ASP A 41 -1.64 -7.22 -0.25
C ASP A 41 -2.39 -5.95 -0.70
N ILE A 42 -2.11 -5.52 -1.94
CA ILE A 42 -2.79 -4.40 -2.58
C ILE A 42 -4.11 -4.88 -3.19
N GLU A 43 -5.21 -4.46 -2.55
CA GLU A 43 -6.56 -4.80 -2.97
C GLU A 43 -6.98 -3.92 -4.17
N LEU A 44 -6.83 -4.49 -5.37
CA LEU A 44 -7.19 -3.83 -6.63
C LEU A 44 -8.69 -4.08 -6.95
N TYR A 45 -9.35 -3.07 -7.48
CA TYR A 45 -10.76 -3.12 -7.88
C TYR A 45 -10.84 -3.25 -9.40
N THR A 46 -12.02 -3.59 -9.92
CA THR A 46 -12.23 -3.93 -11.36
C THR A 46 -11.92 -2.72 -12.29
N ASP A 47 -12.09 -1.50 -11.75
CA ASP A 47 -11.89 -0.24 -12.51
C ASP A 47 -10.43 0.25 -12.46
N GLY A 48 -9.58 -0.45 -11.67
CA GLY A 48 -8.17 -0.11 -11.53
C GLY A 48 -7.86 0.77 -10.32
N ARG A 49 -8.85 0.90 -9.42
CA ARG A 49 -8.73 1.66 -8.17
C ARG A 49 -8.11 0.77 -7.10
N VAL A 50 -7.33 1.35 -6.17
CA VAL A 50 -6.73 0.59 -5.06
C VAL A 50 -7.17 1.16 -3.71
N GLU A 51 -7.27 0.27 -2.73
CA GLU A 51 -7.49 0.61 -1.33
C GLU A 51 -6.71 -0.41 -0.50
N CYS A 52 -5.76 0.09 0.29
CA CYS A 52 -4.93 -0.75 1.18
C CYS A 52 -5.51 -0.69 2.59
N ARG A 53 -6.27 -1.73 2.96
CA ARG A 53 -6.91 -1.85 4.28
C ARG A 53 -5.88 -2.31 5.34
N GLU A 54 -4.69 -2.72 4.85
CA GLU A 54 -3.54 -3.04 5.68
C GLU A 54 -2.85 -1.75 6.18
N LEU A 55 -3.06 -0.63 5.44
CA LEU A 55 -2.50 0.67 5.76
C LEU A 55 -3.26 1.24 6.96
N ARG A 56 -2.69 1.05 8.14
CA ARG A 56 -3.12 1.76 9.35
C ARG A 56 -2.68 3.24 9.25
N PRO A 57 -3.61 4.22 9.51
CA PRO A 57 -3.24 5.67 9.57
C PRO A 57 -2.40 6.00 10.83
N ASP A 58 -2.26 4.99 11.71
CA ASP A 58 -1.43 5.07 12.93
C ASP A 58 0.06 5.00 12.56
N VAL A 59 0.37 4.28 11.46
CA VAL A 59 1.75 4.06 10.94
C VAL A 59 2.49 5.41 10.69
N PHE A 60 1.70 6.46 10.43
CA PHE A 60 2.16 7.85 10.34
C PHE A 60 2.87 8.30 11.64
N GLY A 61 4.22 8.42 11.58
CA GLY A 61 5.03 8.91 12.70
C GLY A 61 5.12 7.93 13.86
N ALA A 62 4.85 6.64 13.55
CA ALA A 62 4.92 5.54 14.51
C ALA A 62 6.30 4.85 14.40
N MET A 1 -12.89 -7.61 -6.29
CA MET A 1 -11.57 -7.38 -5.67
C MET A 1 -10.56 -8.39 -6.21
N LYS A 2 -9.30 -7.95 -6.30
CA LYS A 2 -8.18 -8.74 -6.82
C LYS A 2 -7.01 -8.57 -5.87
N LYS A 3 -6.64 -9.64 -5.18
CA LYS A 3 -5.58 -9.61 -4.17
C LYS A 3 -4.20 -9.69 -4.85
N ILE A 4 -3.48 -8.57 -4.83
CA ILE A 4 -2.13 -8.44 -5.44
C ILE A 4 -1.07 -8.37 -4.33
N PRO A 5 0.14 -9.00 -4.52
CA PRO A 5 1.31 -8.78 -3.66
C PRO A 5 1.86 -7.35 -3.85
N LEU A 6 2.33 -6.72 -2.76
CA LEU A 6 2.79 -5.32 -2.75
C LEU A 6 3.81 -5.05 -3.86
N SER A 7 4.88 -5.84 -3.86
CA SER A 7 5.98 -5.72 -4.82
C SER A 7 5.49 -5.85 -6.27
N LYS A 8 4.58 -6.81 -6.51
CA LYS A 8 4.05 -7.11 -7.85
C LYS A 8 3.07 -6.04 -8.34
N TYR A 9 2.43 -5.34 -7.40
CA TYR A 9 1.62 -4.16 -7.69
C TYR A 9 2.52 -3.00 -8.11
N LEU A 10 3.61 -2.83 -7.32
CA LEU A 10 4.60 -1.76 -7.51
C LEU A 10 5.35 -1.95 -8.84
N GLU A 11 5.40 -3.19 -9.34
CA GLU A 11 6.04 -3.52 -10.62
C GLU A 11 5.07 -3.30 -11.80
N GLU A 12 3.84 -3.83 -11.67
CA GLU A 12 2.93 -3.95 -12.82
C GLU A 12 1.95 -2.77 -12.95
N HIS A 13 1.21 -2.47 -11.87
CA HIS A 13 0.00 -1.59 -11.95
C HIS A 13 0.32 -0.12 -11.61
N GLY A 14 1.06 0.11 -10.51
CA GLY A 14 1.35 1.47 -10.04
C GLY A 14 2.59 1.53 -9.18
N THR A 15 3.09 2.76 -8.93
CA THR A 15 4.30 2.99 -8.09
C THR A 15 3.96 3.19 -6.61
N GLN A 16 5.03 3.41 -5.81
CA GLN A 16 4.93 3.56 -4.35
C GLN A 16 4.19 4.88 -4.02
N SER A 17 4.56 5.93 -4.78
CA SER A 17 3.96 7.27 -4.68
C SER A 17 2.51 7.27 -5.19
N ALA A 18 2.31 6.59 -6.35
CA ALA A 18 0.99 6.36 -6.95
C ALA A 18 0.04 5.66 -5.98
N LEU A 19 0.60 4.68 -5.27
CA LEU A 19 -0.13 3.83 -4.33
C LEU A 19 -0.51 4.64 -3.09
N ALA A 20 0.47 5.37 -2.53
CA ALA A 20 0.29 6.24 -1.35
C ALA A 20 -0.75 7.35 -1.61
N ALA A 21 -0.86 7.79 -2.87
CA ALA A 21 -1.89 8.76 -3.27
C ALA A 21 -3.29 8.09 -3.25
N ALA A 22 -3.36 6.84 -3.73
CA ALA A 22 -4.62 6.04 -3.76
C ALA A 22 -5.05 5.60 -2.34
N LEU A 23 -4.08 5.55 -1.42
CA LEU A 23 -4.30 5.28 0.00
C LEU A 23 -4.54 6.59 0.76
N GLY A 24 -4.07 7.71 0.15
CA GLY A 24 -4.13 9.04 0.76
C GLY A 24 -3.15 9.21 1.91
N VAL A 25 -2.13 8.33 1.97
CA VAL A 25 -1.14 8.28 3.07
C VAL A 25 0.21 8.85 2.60
N ASN A 26 1.08 9.16 3.58
CA ASN A 26 2.50 9.44 3.31
C ASN A 26 3.23 8.14 2.98
N GLN A 27 4.17 8.20 2.02
CA GLN A 27 4.97 7.06 1.52
C GLN A 27 5.84 6.46 2.63
N SER A 28 6.09 7.26 3.69
CA SER A 28 6.84 6.84 4.89
C SER A 28 6.24 5.58 5.54
N ALA A 29 4.91 5.41 5.41
CA ALA A 29 4.22 4.17 5.80
C ALA A 29 4.72 3.02 4.94
N ILE A 30 4.50 3.11 3.61
CA ILE A 30 4.81 2.05 2.62
C ILE A 30 6.29 1.61 2.67
N SER A 31 7.18 2.60 2.85
CA SER A 31 8.63 2.40 2.94
C SER A 31 9.00 1.54 4.16
N GLN A 32 8.32 1.78 5.30
CA GLN A 32 8.53 1.02 6.56
C GLN A 32 7.84 -0.36 6.52
N MET A 33 6.81 -0.51 5.69
CA MET A 33 6.14 -1.81 5.43
C MET A 33 7.09 -2.73 4.64
N VAL A 34 7.78 -2.09 3.69
CA VAL A 34 8.85 -2.69 2.86
C VAL A 34 10.11 -2.96 3.71
N ARG A 35 10.44 -1.99 4.60
CA ARG A 35 11.62 -2.03 5.49
C ARG A 35 11.42 -3.14 6.56
N ALA A 36 10.14 -3.39 6.89
CA ALA A 36 9.75 -4.50 7.78
C ALA A 36 10.05 -5.87 7.14
N GLY A 37 10.07 -5.89 5.79
CA GLY A 37 10.31 -7.11 5.01
C GLY A 37 9.01 -7.85 4.73
N ARG A 38 7.87 -7.16 4.92
CA ARG A 38 6.54 -7.73 4.74
C ARG A 38 6.01 -7.43 3.32
N CYS A 39 5.71 -8.50 2.55
CA CYS A 39 4.97 -8.38 1.28
C CYS A 39 3.48 -8.22 1.61
N ILE A 40 2.93 -7.06 1.25
CA ILE A 40 1.62 -6.60 1.71
C ILE A 40 0.53 -6.89 0.67
N ASP A 41 -0.70 -7.13 1.13
CA ASP A 41 -1.83 -7.37 0.22
C ASP A 41 -2.48 -6.04 -0.19
N ILE A 42 -2.34 -5.71 -1.48
CA ILE A 42 -3.01 -4.56 -2.10
C ILE A 42 -4.29 -5.04 -2.77
N GLU A 43 -5.42 -4.74 -2.13
CA GLU A 43 -6.75 -5.08 -2.67
C GLU A 43 -7.08 -4.17 -3.87
N LEU A 44 -6.90 -4.72 -5.07
CA LEU A 44 -7.23 -4.04 -6.32
C LEU A 44 -8.72 -4.24 -6.61
N TYR A 45 -9.50 -3.16 -6.47
CA TYR A 45 -10.90 -3.12 -6.94
C TYR A 45 -10.93 -3.41 -8.46
N THR A 46 -11.99 -4.09 -8.91
CA THR A 46 -12.11 -4.65 -10.27
C THR A 46 -11.93 -3.57 -11.39
N ASP A 47 -12.27 -2.31 -11.06
CA ASP A 47 -12.20 -1.18 -12.02
C ASP A 47 -10.77 -0.59 -12.16
N GLY A 48 -9.91 -0.88 -11.18
CA GLY A 48 -8.53 -0.36 -11.15
C GLY A 48 -8.22 0.54 -9.96
N ARG A 49 -9.22 0.79 -9.09
CA ARG A 49 -9.02 1.46 -7.77
C ARG A 49 -8.30 0.47 -6.82
N VAL A 50 -7.57 0.97 -5.80
CA VAL A 50 -6.92 0.09 -4.78
C VAL A 50 -7.10 0.62 -3.35
N GLU A 51 -6.96 -0.31 -2.40
CA GLU A 51 -6.87 -0.04 -0.97
C GLU A 51 -5.94 -1.08 -0.33
N CYS A 52 -5.10 -0.66 0.61
CA CYS A 52 -4.14 -1.54 1.29
C CYS A 52 -4.79 -2.12 2.54
N ARG A 53 -4.74 -3.46 2.67
CA ARG A 53 -5.38 -4.18 3.76
C ARG A 53 -4.54 -4.13 5.06
N GLU A 54 -3.20 -4.04 4.89
CA GLU A 54 -2.26 -3.99 6.03
C GLU A 54 -1.99 -2.54 6.46
N LEU A 55 -2.46 -1.55 5.69
CA LEU A 55 -2.14 -0.13 5.94
C LEU A 55 -3.43 0.66 6.09
N ARG A 56 -3.70 1.07 7.33
CA ARG A 56 -4.62 2.15 7.67
C ARG A 56 -3.79 3.43 7.92
N PRO A 57 -4.28 4.65 7.49
CA PRO A 57 -3.47 5.92 7.43
C PRO A 57 -2.79 6.33 8.76
N ASP A 58 -3.46 6.00 9.87
CA ASP A 58 -3.04 6.42 11.23
C ASP A 58 -1.78 5.67 11.74
N VAL A 59 -1.30 4.72 10.92
CA VAL A 59 -0.12 3.86 11.18
C VAL A 59 1.09 4.62 11.79
N PHE A 60 1.42 5.78 11.18
CA PHE A 60 2.52 6.66 11.62
C PHE A 60 2.02 8.12 11.59
N GLY A 61 0.68 8.30 11.55
CA GLY A 61 0.07 9.60 11.25
C GLY A 61 0.36 10.01 9.81
N ALA A 62 0.28 9.01 8.91
CA ALA A 62 0.62 9.14 7.49
C ALA A 62 -0.64 9.56 6.68
N MET A 1 -12.89 -7.37 -3.96
CA MET A 1 -11.63 -6.80 -4.51
C MET A 1 -10.55 -7.88 -4.61
N LYS A 2 -9.50 -7.59 -5.37
CA LYS A 2 -8.36 -8.50 -5.59
C LYS A 2 -7.22 -8.16 -4.62
N LYS A 3 -6.27 -9.09 -4.46
CA LYS A 3 -5.04 -8.86 -3.67
C LYS A 3 -3.83 -8.90 -4.61
N ILE A 4 -2.87 -8.00 -4.35
CA ILE A 4 -1.55 -8.00 -5.02
C ILE A 4 -0.47 -7.84 -3.95
N PRO A 5 0.65 -8.61 -4.02
CA PRO A 5 1.80 -8.44 -3.09
C PRO A 5 2.39 -7.02 -3.20
N LEU A 6 2.63 -6.37 -2.04
CA LEU A 6 3.06 -4.96 -1.94
C LEU A 6 4.22 -4.64 -2.91
N SER A 7 5.26 -5.48 -2.82
CA SER A 7 6.49 -5.32 -3.61
C SER A 7 6.21 -5.44 -5.13
N LYS A 8 5.40 -6.45 -5.52
CA LYS A 8 5.01 -6.64 -6.93
C LYS A 8 4.15 -5.47 -7.43
N TYR A 9 3.32 -4.91 -6.56
CA TYR A 9 2.45 -3.78 -6.92
C TYR A 9 3.29 -2.52 -7.21
N LEU A 10 4.25 -2.23 -6.32
CA LEU A 10 5.12 -1.04 -6.40
C LEU A 10 5.97 -1.01 -7.68
N GLU A 11 6.30 -2.21 -8.19
CA GLU A 11 7.15 -2.36 -9.38
C GLU A 11 6.32 -2.51 -10.67
N GLU A 12 5.21 -3.24 -10.60
CA GLU A 12 4.44 -3.68 -11.79
C GLU A 12 3.31 -2.68 -12.12
N HIS A 13 2.43 -2.40 -11.14
CA HIS A 13 1.18 -1.63 -11.37
C HIS A 13 1.35 -0.12 -11.13
N GLY A 14 1.94 0.22 -9.98
CA GLY A 14 2.04 1.61 -9.54
C GLY A 14 3.43 1.93 -9.04
N THR A 15 3.53 2.76 -7.99
CA THR A 15 4.80 3.17 -7.39
C THR A 15 4.63 3.51 -5.91
N GLN A 16 5.75 3.83 -5.25
CA GLN A 16 5.81 4.10 -3.81
C GLN A 16 5.11 5.43 -3.47
N SER A 17 5.43 6.45 -4.28
CA SER A 17 4.81 7.80 -4.19
C SER A 17 3.34 7.73 -4.61
N ALA A 18 3.10 6.96 -5.68
CA ALA A 18 1.78 6.80 -6.30
C ALA A 18 0.80 6.10 -5.37
N LEU A 19 1.32 5.11 -4.63
CA LEU A 19 0.50 4.28 -3.73
C LEU A 19 0.15 5.09 -2.49
N ALA A 20 1.17 5.77 -1.92
CA ALA A 20 1.00 6.70 -0.80
C ALA A 20 -0.03 7.79 -1.15
N ALA A 21 0.05 8.33 -2.38
CA ALA A 21 -0.91 9.33 -2.89
C ALA A 21 -2.34 8.76 -2.93
N ALA A 22 -2.44 7.52 -3.45
CA ALA A 22 -3.71 6.79 -3.60
C ALA A 22 -4.40 6.57 -2.24
N LEU A 23 -3.59 6.24 -1.23
CA LEU A 23 -4.07 6.01 0.14
C LEU A 23 -4.35 7.35 0.86
N GLY A 24 -3.64 8.41 0.42
CA GLY A 24 -3.72 9.74 1.05
C GLY A 24 -2.84 9.81 2.29
N VAL A 25 -1.61 9.27 2.15
CA VAL A 25 -0.62 9.10 3.22
C VAL A 25 0.77 9.50 2.71
N ASN A 26 1.75 9.46 3.62
CA ASN A 26 3.16 9.72 3.30
C ASN A 26 3.87 8.41 2.94
N GLN A 27 5.01 8.50 2.23
CA GLN A 27 5.85 7.34 1.87
C GLN A 27 6.56 6.77 3.11
N SER A 28 6.60 7.57 4.19
CA SER A 28 7.06 7.12 5.51
C SER A 28 6.33 5.83 5.93
N ALA A 29 5.02 5.79 5.62
CA ALA A 29 4.19 4.59 5.77
C ALA A 29 4.74 3.46 4.90
N ILE A 30 4.75 3.67 3.57
CA ILE A 30 5.05 2.60 2.57
C ILE A 30 6.41 1.94 2.86
N SER A 31 7.47 2.76 2.94
CA SER A 31 8.86 2.31 3.20
C SER A 31 9.02 1.60 4.57
N GLN A 32 8.19 1.99 5.57
CA GLN A 32 8.18 1.33 6.90
C GLN A 32 7.63 -0.09 6.77
N MET A 33 6.47 -0.18 6.09
CA MET A 33 5.72 -1.43 5.85
C MET A 33 6.59 -2.45 5.07
N VAL A 34 7.37 -1.90 4.11
CA VAL A 34 8.31 -2.65 3.29
C VAL A 34 9.47 -3.23 4.15
N ARG A 35 10.17 -2.35 4.89
CA ARG A 35 11.34 -2.73 5.72
C ARG A 35 10.96 -3.59 6.94
N ALA A 36 9.69 -3.51 7.34
CA ALA A 36 9.16 -4.26 8.50
C ALA A 36 9.11 -5.78 8.20
N GLY A 37 9.06 -6.14 6.91
CA GLY A 37 9.04 -7.55 6.48
C GLY A 37 7.66 -8.19 6.54
N ARG A 38 6.65 -7.39 6.88
CA ARG A 38 5.24 -7.81 6.82
C ARG A 38 4.79 -7.73 5.35
N CYS A 39 4.45 -8.90 4.75
CA CYS A 39 3.98 -8.94 3.35
C CYS A 39 2.55 -8.37 3.29
N ILE A 40 2.41 -7.20 2.65
CA ILE A 40 1.15 -6.47 2.60
C ILE A 40 0.46 -6.73 1.26
N ASP A 41 -0.85 -6.93 1.29
CA ASP A 41 -1.65 -7.01 0.05
C ASP A 41 -2.28 -5.65 -0.24
N ILE A 42 -2.37 -5.33 -1.53
CA ILE A 42 -2.99 -4.10 -2.02
C ILE A 42 -4.33 -4.48 -2.65
N GLU A 43 -5.42 -4.03 -2.02
CA GLU A 43 -6.78 -4.37 -2.42
C GLU A 43 -7.20 -3.59 -3.68
N LEU A 44 -7.17 -4.29 -4.83
CA LEU A 44 -7.53 -3.76 -6.15
C LEU A 44 -9.06 -3.85 -6.36
N TYR A 45 -9.75 -2.71 -6.21
CA TYR A 45 -11.20 -2.60 -6.42
C TYR A 45 -11.57 -2.69 -7.92
N THR A 46 -12.88 -2.90 -8.19
CA THR A 46 -13.40 -3.25 -9.54
C THR A 46 -13.11 -2.16 -10.58
N ASP A 47 -13.26 -0.90 -10.16
CA ASP A 47 -13.01 0.28 -11.00
C ASP A 47 -11.50 0.50 -11.25
N GLY A 48 -10.67 -0.11 -10.38
CA GLY A 48 -9.21 -0.04 -10.47
C GLY A 48 -8.56 0.69 -9.30
N ARG A 49 -9.39 1.26 -8.38
CA ARG A 49 -8.89 1.97 -7.19
C ARG A 49 -8.16 1.01 -6.23
N VAL A 50 -7.18 1.51 -5.46
CA VAL A 50 -6.41 0.69 -4.52
C VAL A 50 -6.46 1.28 -3.10
N GLU A 51 -6.77 0.43 -2.12
CA GLU A 51 -6.57 0.74 -0.70
C GLU A 51 -5.80 -0.40 -0.04
N CYS A 52 -4.95 -0.06 0.92
CA CYS A 52 -4.27 -1.03 1.78
C CYS A 52 -5.04 -1.11 3.11
N ARG A 53 -5.60 -2.29 3.42
CA ARG A 53 -6.38 -2.56 4.64
C ARG A 53 -5.43 -2.46 5.87
N GLU A 54 -4.22 -2.99 5.70
CA GLU A 54 -3.17 -2.97 6.73
C GLU A 54 -2.79 -1.52 7.09
N LEU A 55 -2.81 -0.64 6.07
CA LEU A 55 -2.52 0.77 6.24
C LEU A 55 -3.69 1.42 7.00
N ARG A 56 -3.50 1.51 8.30
CA ARG A 56 -4.18 2.48 9.14
C ARG A 56 -3.20 3.66 9.36
N PRO A 57 -3.66 4.92 9.67
CA PRO A 57 -2.75 6.07 9.92
C PRO A 57 -1.74 5.83 11.10
N ASP A 58 -2.04 4.80 11.91
CA ASP A 58 -1.27 4.38 13.10
C ASP A 58 0.20 4.08 12.76
N VAL A 59 0.38 3.62 11.51
CA VAL A 59 1.69 3.24 10.93
C VAL A 59 2.77 4.32 11.17
N PHE A 60 2.47 5.58 10.82
CA PHE A 60 3.43 6.70 10.96
C PHE A 60 2.95 7.70 12.02
N GLY A 61 2.20 7.17 13.03
CA GLY A 61 1.78 7.96 14.20
C GLY A 61 0.74 9.03 13.89
N ALA A 62 0.10 8.90 12.73
CA ALA A 62 -0.91 9.85 12.22
C ALA A 62 -2.27 9.64 12.94
N MET A 1 -13.70 -8.01 -3.48
CA MET A 1 -12.34 -7.70 -3.01
C MET A 1 -11.36 -8.81 -3.42
N LYS A 2 -10.38 -8.45 -4.26
CA LYS A 2 -9.22 -9.31 -4.53
C LYS A 2 -8.00 -8.78 -3.74
N LYS A 3 -7.04 -9.66 -3.45
CA LYS A 3 -5.82 -9.30 -2.72
C LYS A 3 -4.61 -9.44 -3.64
N ILE A 4 -3.70 -8.47 -3.54
CA ILE A 4 -2.41 -8.48 -4.23
C ILE A 4 -1.29 -8.49 -3.17
N PRO A 5 -0.22 -9.31 -3.37
CA PRO A 5 1.00 -9.28 -2.52
C PRO A 5 1.71 -7.92 -2.71
N LEU A 6 2.23 -7.34 -1.60
CA LEU A 6 2.81 -5.99 -1.59
C LEU A 6 3.84 -5.80 -2.72
N SER A 7 4.73 -6.80 -2.88
CA SER A 7 5.77 -6.80 -3.94
C SER A 7 5.15 -6.68 -5.35
N LYS A 8 4.16 -7.56 -5.64
CA LYS A 8 3.46 -7.60 -6.95
C LYS A 8 2.68 -6.31 -7.25
N TYR A 9 2.25 -5.62 -6.19
CA TYR A 9 1.58 -4.34 -6.30
C TYR A 9 2.60 -3.25 -6.70
N LEU A 10 3.72 -3.22 -5.96
CA LEU A 10 4.80 -2.22 -6.17
C LEU A 10 5.47 -2.39 -7.55
N GLU A 11 5.36 -3.61 -8.11
CA GLU A 11 5.89 -3.95 -9.45
C GLU A 11 4.90 -3.63 -10.56
N GLU A 12 3.67 -4.14 -10.44
CA GLU A 12 2.74 -4.28 -11.58
C GLU A 12 1.46 -3.42 -11.45
N HIS A 13 1.32 -2.57 -10.42
CA HIS A 13 0.05 -1.84 -10.18
C HIS A 13 0.29 -0.35 -9.79
N GLY A 14 1.19 -0.13 -8.85
CA GLY A 14 1.48 1.23 -8.37
C GLY A 14 2.81 1.29 -7.64
N THR A 15 3.23 2.51 -7.27
CA THR A 15 4.46 2.73 -6.49
C THR A 15 4.13 2.78 -4.99
N GLN A 16 5.18 2.91 -4.17
CA GLN A 16 5.06 3.03 -2.71
C GLN A 16 4.47 4.41 -2.35
N SER A 17 4.87 5.42 -3.16
CA SER A 17 4.32 6.78 -3.13
C SER A 17 2.82 6.77 -3.43
N ALA A 18 2.45 5.99 -4.47
CA ALA A 18 1.06 5.84 -4.94
C ALA A 18 0.19 5.20 -3.88
N LEU A 19 0.76 4.20 -3.19
CA LEU A 19 0.05 3.43 -2.17
C LEU A 19 -0.28 4.35 -0.99
N ALA A 20 0.74 5.10 -0.52
CA ALA A 20 0.61 6.11 0.56
C ALA A 20 -0.43 7.19 0.18
N ALA A 21 -0.40 7.63 -1.09
CA ALA A 21 -1.32 8.67 -1.62
C ALA A 21 -2.79 8.18 -1.60
N ALA A 22 -2.96 6.87 -1.87
CA ALA A 22 -4.28 6.19 -1.90
C ALA A 22 -4.83 6.02 -0.48
N LEU A 23 -3.92 5.82 0.49
CA LEU A 23 -4.25 5.66 1.90
C LEU A 23 -4.41 7.04 2.59
N GLY A 24 -3.87 8.09 1.94
CA GLY A 24 -3.85 9.45 2.48
C GLY A 24 -2.81 9.62 3.60
N VAL A 25 -1.79 8.74 3.58
CA VAL A 25 -0.76 8.65 4.64
C VAL A 25 0.63 9.00 4.08
N ASN A 26 1.64 9.00 4.98
CA ASN A 26 3.04 9.20 4.61
C ASN A 26 3.66 7.91 4.08
N GLN A 27 4.67 8.08 3.19
CA GLN A 27 5.46 6.97 2.60
C GLN A 27 6.35 6.30 3.66
N SER A 28 6.56 7.01 4.80
CA SER A 28 7.30 6.50 5.97
C SER A 28 6.67 5.20 6.52
N ALA A 29 5.32 5.10 6.39
CA ALA A 29 4.57 3.87 6.67
C ALA A 29 5.01 2.78 5.70
N ILE A 30 4.81 3.02 4.39
CA ILE A 30 4.97 1.99 3.33
C ILE A 30 6.40 1.39 3.35
N SER A 31 7.39 2.28 3.58
CA SER A 31 8.81 1.90 3.71
C SER A 31 9.04 1.04 4.98
N GLN A 32 8.41 1.44 6.11
CA GLN A 32 8.49 0.70 7.40
C GLN A 32 7.89 -0.71 7.27
N MET A 33 6.76 -0.79 6.54
CA MET A 33 6.01 -2.03 6.28
C MET A 33 6.86 -3.01 5.44
N VAL A 34 7.60 -2.42 4.48
CA VAL A 34 8.56 -3.13 3.61
C VAL A 34 9.80 -3.58 4.40
N ARG A 35 10.35 -2.69 5.25
CA ARG A 35 11.58 -2.95 6.03
C ARG A 35 11.31 -3.98 7.15
N ALA A 36 10.04 -4.06 7.59
CA ALA A 36 9.60 -5.03 8.62
C ALA A 36 9.67 -6.48 8.09
N GLY A 37 9.81 -6.63 6.75
CA GLY A 37 9.80 -7.94 6.09
C GLY A 37 8.41 -8.57 6.09
N ARG A 38 7.39 -7.71 6.28
CA ARG A 38 5.99 -8.09 6.38
C ARG A 38 5.32 -7.83 5.03
N CYS A 39 4.88 -8.92 4.36
CA CYS A 39 4.19 -8.84 3.06
C CYS A 39 2.74 -8.44 3.29
N ILE A 40 2.29 -7.42 2.55
CA ILE A 40 0.99 -6.78 2.80
C ILE A 40 -0.01 -7.12 1.68
N ASP A 41 -1.21 -7.58 2.08
CA ASP A 41 -2.30 -7.86 1.13
C ASP A 41 -3.05 -6.56 0.82
N ILE A 42 -2.76 -6.00 -0.37
CA ILE A 42 -3.38 -4.76 -0.86
C ILE A 42 -4.72 -5.13 -1.54
N GLU A 43 -5.82 -4.76 -0.86
CA GLU A 43 -7.19 -5.04 -1.32
C GLU A 43 -7.54 -4.17 -2.54
N LEU A 44 -7.49 -4.80 -3.72
CA LEU A 44 -7.88 -4.16 -4.99
C LEU A 44 -9.39 -4.31 -5.24
N TYR A 45 -10.06 -3.17 -5.39
CA TYR A 45 -11.42 -3.07 -5.90
C TYR A 45 -11.35 -2.94 -7.43
N THR A 46 -12.33 -3.53 -8.14
CA THR A 46 -12.33 -3.60 -9.62
C THR A 46 -12.45 -2.19 -10.26
N ASP A 47 -13.05 -1.22 -9.54
CA ASP A 47 -13.22 0.16 -10.04
C ASP A 47 -11.87 0.91 -10.07
N GLY A 48 -10.88 0.36 -9.34
CA GLY A 48 -9.53 0.89 -9.29
C GLY A 48 -9.09 1.38 -7.93
N ARG A 49 -10.00 1.41 -6.93
CA ARG A 49 -9.62 1.73 -5.53
C ARG A 49 -8.69 0.64 -4.96
N VAL A 50 -7.74 1.05 -4.12
CA VAL A 50 -6.86 0.12 -3.36
C VAL A 50 -6.98 0.43 -1.86
N GLU A 51 -6.85 -0.60 -1.03
CA GLU A 51 -6.91 -0.46 0.43
C GLU A 51 -5.83 -1.36 1.05
N CYS A 52 -4.94 -0.77 1.85
CA CYS A 52 -3.93 -1.53 2.62
C CYS A 52 -4.49 -1.74 4.02
N ARG A 53 -5.00 -2.95 4.28
CA ARG A 53 -5.63 -3.30 5.56
C ARG A 53 -4.60 -3.25 6.72
N GLU A 54 -3.31 -3.52 6.40
CA GLU A 54 -2.24 -3.55 7.41
C GLU A 54 -1.88 -2.15 7.94
N LEU A 55 -2.19 -1.10 7.15
CA LEU A 55 -1.99 0.29 7.55
C LEU A 55 -2.99 0.61 8.67
N ARG A 56 -2.51 0.43 9.89
CA ARG A 56 -3.17 0.88 11.10
C ARG A 56 -3.02 2.42 11.18
N PRO A 57 -4.13 3.22 11.34
CA PRO A 57 -4.07 4.71 11.43
C PRO A 57 -3.37 5.21 12.72
N ASP A 58 -3.03 4.27 13.62
CA ASP A 58 -2.36 4.52 14.91
C ASP A 58 -0.91 4.97 14.71
N VAL A 59 -0.32 4.54 13.57
CA VAL A 59 1.08 4.83 13.19
C VAL A 59 1.40 6.35 13.25
N PHE A 60 0.39 7.18 12.91
CA PHE A 60 0.52 8.67 12.81
C PHE A 60 -0.88 9.30 12.68
N GLY A 61 -0.95 10.54 12.15
CA GLY A 61 -2.22 11.23 11.89
C GLY A 61 -3.05 10.55 10.80
N ALA A 62 -2.34 9.99 9.78
CA ALA A 62 -2.92 9.24 8.65
C ALA A 62 -4.01 10.08 7.90
N MET A 1 -13.47 -8.32 -4.64
CA MET A 1 -12.29 -7.49 -4.97
C MET A 1 -11.12 -8.37 -5.41
N LYS A 2 -10.12 -7.75 -6.05
CA LYS A 2 -8.82 -8.37 -6.28
C LYS A 2 -7.87 -7.91 -5.16
N LYS A 3 -6.92 -8.76 -4.80
CA LYS A 3 -5.92 -8.45 -3.77
C LYS A 3 -4.54 -8.61 -4.39
N ILE A 4 -3.63 -7.67 -4.12
CA ILE A 4 -2.29 -7.63 -4.72
C ILE A 4 -1.24 -7.57 -3.59
N PRO A 5 -0.08 -8.27 -3.76
CA PRO A 5 1.08 -8.12 -2.86
C PRO A 5 1.66 -6.70 -3.03
N LEU A 6 1.83 -5.97 -1.91
CA LEU A 6 2.25 -4.55 -1.91
C LEU A 6 3.46 -4.31 -2.82
N SER A 7 4.42 -5.25 -2.78
CA SER A 7 5.62 -5.22 -3.60
C SER A 7 5.27 -5.14 -5.11
N LYS A 8 4.39 -6.07 -5.59
CA LYS A 8 3.95 -6.10 -7.01
C LYS A 8 3.04 -4.91 -7.38
N TYR A 9 2.33 -4.36 -6.39
CA TYR A 9 1.52 -3.14 -6.58
C TYR A 9 2.47 -1.96 -6.87
N LEU A 10 3.57 -1.89 -6.10
CA LEU A 10 4.57 -0.84 -6.23
C LEU A 10 5.41 -1.01 -7.51
N GLU A 11 5.41 -2.20 -8.12
CA GLU A 11 6.10 -2.43 -9.40
C GLU A 11 5.29 -1.83 -10.56
N GLU A 12 4.03 -2.28 -10.69
CA GLU A 12 3.21 -2.02 -11.88
C GLU A 12 2.04 -1.06 -11.60
N HIS A 13 1.34 -1.29 -10.49
CA HIS A 13 0.01 -0.67 -10.23
C HIS A 13 0.12 0.68 -9.50
N GLY A 14 1.34 1.23 -9.42
CA GLY A 14 1.58 2.54 -8.82
C GLY A 14 2.98 2.64 -8.24
N THR A 15 3.42 3.88 -7.98
CA THR A 15 4.66 4.15 -7.25
C THR A 15 4.35 4.29 -5.76
N GLN A 16 5.39 4.42 -4.93
CA GLN A 16 5.23 4.59 -3.47
C GLN A 16 4.62 5.98 -3.17
N SER A 17 4.91 6.93 -4.06
CA SER A 17 4.38 8.29 -4.02
C SER A 17 2.91 8.32 -4.48
N ALA A 18 2.61 7.62 -5.59
CA ALA A 18 1.25 7.53 -6.17
C ALA A 18 0.28 6.86 -5.20
N LEU A 19 0.79 5.83 -4.52
CA LEU A 19 0.00 5.04 -3.58
C LEU A 19 -0.26 5.86 -2.31
N ALA A 20 0.82 6.46 -1.76
CA ALA A 20 0.75 7.33 -0.59
C ALA A 20 -0.25 8.49 -0.80
N ALA A 21 -0.22 9.07 -2.01
CA ALA A 21 -1.16 10.11 -2.43
C ALA A 21 -2.61 9.59 -2.43
N ALA A 22 -2.79 8.39 -3.04
CA ALA A 22 -4.11 7.74 -3.19
C ALA A 22 -4.79 7.44 -1.83
N LEU A 23 -3.97 7.05 -0.85
CA LEU A 23 -4.45 6.68 0.50
C LEU A 23 -4.61 7.93 1.41
N GLY A 24 -3.91 9.03 1.05
CA GLY A 24 -3.86 10.25 1.87
C GLY A 24 -2.87 10.11 3.02
N VAL A 25 -1.80 9.32 2.78
CA VAL A 25 -0.77 8.97 3.77
C VAL A 25 0.62 9.41 3.27
N ASN A 26 1.66 9.16 4.08
CA ASN A 26 3.07 9.44 3.72
C ASN A 26 3.71 8.21 3.03
N GLN A 27 4.83 8.47 2.34
CA GLN A 27 5.65 7.41 1.69
C GLN A 27 6.41 6.60 2.74
N SER A 28 6.73 7.26 3.87
CA SER A 28 7.36 6.62 5.04
C SER A 28 6.42 5.56 5.63
N ALA A 29 5.09 5.82 5.55
CA ALA A 29 4.07 4.85 5.96
C ALA A 29 4.16 3.57 5.09
N ILE A 30 4.14 3.77 3.76
CA ILE A 30 4.19 2.66 2.77
C ILE A 30 5.45 1.79 2.99
N SER A 31 6.60 2.46 3.06
CA SER A 31 7.92 1.84 3.19
C SER A 31 8.14 1.22 4.58
N GLN A 32 7.42 1.72 5.60
CA GLN A 32 7.50 1.18 6.98
C GLN A 32 6.74 -0.16 7.08
N MET A 33 5.64 -0.23 6.33
CA MET A 33 4.79 -1.43 6.24
C MET A 33 5.54 -2.54 5.49
N VAL A 34 6.27 -2.13 4.44
CA VAL A 34 7.23 -2.99 3.73
C VAL A 34 8.34 -3.47 4.70
N ARG A 35 8.88 -2.52 5.48
CA ARG A 35 10.04 -2.75 6.37
C ARG A 35 9.65 -3.53 7.65
N ALA A 36 8.35 -3.56 7.97
CA ALA A 36 7.83 -4.29 9.14
C ALA A 36 8.05 -5.82 9.01
N GLY A 37 8.28 -6.27 7.76
CA GLY A 37 8.44 -7.69 7.45
C GLY A 37 7.12 -8.33 7.07
N ARG A 38 6.05 -7.53 7.03
CA ARG A 38 4.73 -7.99 6.59
C ARG A 38 4.60 -7.71 5.09
N CYS A 39 4.32 -8.77 4.31
CA CYS A 39 3.83 -8.59 2.93
C CYS A 39 2.38 -8.09 3.02
N ILE A 40 2.11 -6.93 2.44
CA ILE A 40 0.86 -6.20 2.69
C ILE A 40 -0.18 -6.51 1.60
N ASP A 41 -1.42 -6.73 2.04
CA ASP A 41 -2.55 -7.04 1.17
C ASP A 41 -3.25 -5.73 0.76
N ILE A 42 -3.02 -5.30 -0.49
CA ILE A 42 -3.68 -4.12 -1.07
C ILE A 42 -4.98 -4.54 -1.75
N GLU A 43 -6.08 -3.90 -1.37
CA GLU A 43 -7.42 -4.22 -1.88
C GLU A 43 -7.75 -3.37 -3.13
N LEU A 44 -7.73 -4.03 -4.30
CA LEU A 44 -8.18 -3.46 -5.57
C LEU A 44 -9.71 -3.64 -5.72
N TYR A 45 -10.45 -2.55 -5.52
CA TYR A 45 -11.88 -2.50 -5.83
C TYR A 45 -12.11 -2.62 -7.35
N THR A 46 -13.27 -3.18 -7.73
CA THR A 46 -13.61 -3.48 -9.13
C THR A 46 -13.69 -2.21 -10.03
N ASP A 47 -14.03 -1.06 -9.43
CA ASP A 47 -14.14 0.22 -10.18
C ASP A 47 -12.75 0.81 -10.51
N GLY A 48 -11.73 0.37 -9.74
CA GLY A 48 -10.35 0.82 -9.93
C GLY A 48 -9.79 1.62 -8.75
N ARG A 49 -10.52 1.69 -7.63
CA ARG A 49 -9.98 2.31 -6.38
C ARG A 49 -9.15 1.28 -5.60
N VAL A 50 -8.27 1.79 -4.71
CA VAL A 50 -7.44 0.94 -3.83
C VAL A 50 -7.63 1.37 -2.38
N GLU A 51 -7.47 0.40 -1.47
CA GLU A 51 -7.57 0.61 -0.03
C GLU A 51 -6.51 -0.27 0.63
N CYS A 52 -5.65 0.33 1.45
CA CYS A 52 -4.61 -0.39 2.18
C CYS A 52 -5.12 -0.72 3.58
N ARG A 53 -5.53 -2.00 3.78
CA ARG A 53 -6.21 -2.46 5.01
C ARG A 53 -5.28 -2.41 6.25
N GLU A 54 -3.97 -2.49 6.01
CA GLU A 54 -2.96 -2.55 7.08
C GLU A 54 -2.55 -1.15 7.57
N LEU A 55 -3.01 -0.11 6.84
CA LEU A 55 -2.64 1.27 7.09
C LEU A 55 -3.43 1.80 8.31
N ARG A 56 -2.87 1.55 9.49
CA ARG A 56 -3.30 2.23 10.72
C ARG A 56 -2.86 3.70 10.62
N PRO A 57 -3.77 4.72 10.71
CA PRO A 57 -3.40 6.16 10.53
C PRO A 57 -2.26 6.63 11.44
N ASP A 58 -2.04 5.92 12.55
CA ASP A 58 -0.99 6.23 13.55
C ASP A 58 0.43 6.05 12.98
N VAL A 59 0.52 5.26 11.88
CA VAL A 59 1.78 4.92 11.18
C VAL A 59 2.63 6.18 10.82
N PHE A 60 1.95 7.34 10.67
CA PHE A 60 2.59 8.63 10.33
C PHE A 60 3.64 9.01 11.39
N GLY A 61 3.16 9.30 12.62
CA GLY A 61 4.03 9.63 13.75
C GLY A 61 4.25 8.42 14.62
N ALA A 62 4.74 7.34 13.99
CA ALA A 62 5.03 6.06 14.65
C ALA A 62 6.52 5.72 14.43
N MET A 1 -12.66 -8.50 -4.52
CA MET A 1 -11.31 -8.05 -4.09
C MET A 1 -10.29 -9.17 -4.29
N LYS A 2 -9.19 -8.86 -5.02
CA LYS A 2 -8.06 -9.79 -5.22
C LYS A 2 -6.88 -9.33 -4.36
N LYS A 3 -6.01 -10.29 -4.00
CA LYS A 3 -4.94 -10.08 -3.02
C LYS A 3 -3.58 -10.29 -3.70
N ILE A 4 -2.86 -9.18 -3.90
CA ILE A 4 -1.55 -9.15 -4.56
C ILE A 4 -0.46 -8.99 -3.51
N PRO A 5 0.68 -9.73 -3.60
CA PRO A 5 1.83 -9.58 -2.66
C PRO A 5 2.39 -8.14 -2.74
N LEU A 6 2.63 -7.50 -1.58
CA LEU A 6 3.06 -6.08 -1.45
C LEU A 6 4.17 -5.73 -2.46
N SER A 7 5.22 -6.56 -2.44
CA SER A 7 6.41 -6.38 -3.28
C SER A 7 6.07 -6.45 -4.78
N LYS A 8 5.22 -7.41 -5.16
CA LYS A 8 4.81 -7.62 -6.58
C LYS A 8 3.86 -6.52 -7.08
N TYR A 9 3.10 -5.93 -6.14
CA TYR A 9 2.28 -4.74 -6.44
C TYR A 9 3.22 -3.56 -6.70
N LEU A 10 4.28 -3.44 -5.89
CA LEU A 10 5.25 -2.36 -5.97
C LEU A 10 6.13 -2.47 -7.24
N GLU A 11 6.32 -3.69 -7.75
CA GLU A 11 7.11 -3.91 -8.98
C GLU A 11 6.30 -3.61 -10.24
N GLU A 12 5.09 -4.17 -10.32
CA GLU A 12 4.32 -4.23 -11.58
C GLU A 12 3.22 -3.15 -11.67
N HIS A 13 2.46 -2.94 -10.58
CA HIS A 13 1.19 -2.17 -10.62
C HIS A 13 1.37 -0.68 -10.24
N GLY A 14 2.06 -0.43 -9.12
CA GLY A 14 2.20 0.92 -8.57
C GLY A 14 3.49 1.06 -7.77
N THR A 15 3.91 2.30 -7.50
CA THR A 15 5.12 2.59 -6.71
C THR A 15 4.76 2.72 -5.22
N GLN A 16 5.79 2.86 -4.37
CA GLN A 16 5.60 3.06 -2.91
C GLN A 16 5.03 4.46 -2.67
N SER A 17 5.40 5.40 -3.57
CA SER A 17 4.87 6.77 -3.61
C SER A 17 3.37 6.76 -3.95
N ALA A 18 3.02 6.00 -5.01
CA ALA A 18 1.63 5.85 -5.48
C ALA A 18 0.74 5.19 -4.43
N LEU A 19 1.31 4.17 -3.79
CA LEU A 19 0.60 3.34 -2.81
C LEU A 19 0.33 4.15 -1.53
N ALA A 20 1.39 4.85 -1.05
CA ALA A 20 1.30 5.72 0.13
C ALA A 20 0.32 6.87 -0.10
N ALA A 21 0.32 7.43 -1.33
CA ALA A 21 -0.60 8.51 -1.73
C ALA A 21 -2.06 8.00 -1.71
N ALA A 22 -2.25 6.75 -2.15
CA ALA A 22 -3.56 6.08 -2.17
C ALA A 22 -4.09 5.86 -0.74
N LEU A 23 -3.19 5.40 0.15
CA LEU A 23 -3.51 5.12 1.56
C LEU A 23 -3.57 6.42 2.40
N GLY A 24 -3.05 7.53 1.83
CA GLY A 24 -2.98 8.83 2.53
C GLY A 24 -1.85 8.88 3.57
N VAL A 25 -0.93 7.92 3.48
CA VAL A 25 0.20 7.75 4.41
C VAL A 25 1.52 8.19 3.75
N ASN A 26 2.63 8.13 4.50
CA ASN A 26 3.98 8.31 3.96
C ASN A 26 4.56 6.94 3.55
N GLN A 27 5.55 6.94 2.63
CA GLN A 27 6.25 5.72 2.15
C GLN A 27 6.98 5.01 3.31
N SER A 28 7.24 5.79 4.38
CA SER A 28 7.80 5.31 5.64
C SER A 28 7.03 4.07 6.15
N ALA A 29 5.71 4.18 6.19
CA ALA A 29 4.78 3.09 6.60
C ALA A 29 5.01 1.81 5.81
N ILE A 30 4.98 1.91 4.46
CA ILE A 30 5.22 0.75 3.56
C ILE A 30 6.57 0.10 3.90
N SER A 31 7.61 0.93 4.02
CA SER A 31 9.00 0.48 4.23
C SER A 31 9.25 -0.03 5.66
N GLN A 32 8.43 0.38 6.64
CA GLN A 32 8.50 -0.16 8.03
C GLN A 32 7.95 -1.59 8.04
N MET A 33 6.85 -1.79 7.28
CA MET A 33 6.17 -3.09 7.15
C MET A 33 7.03 -4.08 6.34
N VAL A 34 7.76 -3.54 5.33
CA VAL A 34 8.73 -4.29 4.54
C VAL A 34 9.91 -4.73 5.45
N ARG A 35 10.52 -3.75 6.15
CA ARG A 35 11.72 -3.97 7.00
C ARG A 35 11.40 -4.70 8.32
N ALA A 36 10.10 -4.86 8.63
CA ALA A 36 9.65 -5.67 9.78
C ALA A 36 9.89 -7.18 9.50
N GLY A 37 10.06 -7.52 8.21
CA GLY A 37 10.17 -8.91 7.76
C GLY A 37 8.81 -9.58 7.67
N ARG A 38 7.75 -8.77 7.77
CA ARG A 38 6.36 -9.22 7.75
C ARG A 38 5.85 -9.17 6.30
N CYS A 39 5.50 -10.34 5.75
CA CYS A 39 4.91 -10.47 4.42
C CYS A 39 3.51 -9.83 4.39
N ILE A 40 3.38 -8.75 3.61
CA ILE A 40 2.12 -8.01 3.46
C ILE A 40 1.55 -8.26 2.05
N ASP A 41 0.23 -8.13 1.90
CA ASP A 41 -0.44 -8.12 0.58
C ASP A 41 -1.38 -6.91 0.48
N ILE A 42 -1.47 -6.33 -0.74
CA ILE A 42 -2.33 -5.17 -1.03
C ILE A 42 -3.69 -5.65 -1.59
N GLU A 43 -4.76 -5.02 -1.07
CA GLU A 43 -6.16 -5.36 -1.39
C GLU A 43 -6.64 -4.53 -2.60
N LEU A 44 -6.69 -5.17 -3.77
CA LEU A 44 -7.19 -4.57 -5.01
C LEU A 44 -8.71 -4.73 -5.12
N TYR A 45 -9.39 -3.63 -5.45
CA TYR A 45 -10.82 -3.60 -5.77
C TYR A 45 -11.01 -3.77 -7.29
N THR A 46 -12.25 -4.08 -7.72
CA THR A 46 -12.53 -4.43 -9.14
C THR A 46 -12.35 -3.21 -10.08
N ASP A 47 -12.49 -1.99 -9.53
CA ASP A 47 -12.27 -0.74 -10.27
C ASP A 47 -10.76 -0.40 -10.35
N GLY A 48 -9.97 -0.98 -9.43
CA GLY A 48 -8.52 -0.79 -9.38
C GLY A 48 -8.04 -0.09 -8.11
N ARG A 49 -8.98 0.35 -7.25
CA ARG A 49 -8.68 1.02 -5.95
C ARG A 49 -7.88 0.09 -5.02
N VAL A 50 -6.99 0.67 -4.18
CA VAL A 50 -6.25 -0.09 -3.17
C VAL A 50 -6.45 0.54 -1.77
N GLU A 51 -6.73 -0.32 -0.77
CA GLU A 51 -6.76 0.10 0.64
C GLU A 51 -6.21 -1.04 1.51
N CYS A 52 -5.19 -0.70 2.30
CA CYS A 52 -4.51 -1.66 3.16
C CYS A 52 -5.09 -1.56 4.58
N ARG A 53 -5.81 -2.62 5.00
CA ARG A 53 -6.28 -2.76 6.41
C ARG A 53 -5.12 -3.23 7.31
N GLU A 54 -4.08 -3.73 6.65
CA GLU A 54 -2.82 -4.07 7.29
C GLU A 54 -2.03 -2.78 7.65
N LEU A 55 -2.30 -1.68 6.90
CA LEU A 55 -1.60 -0.40 7.08
C LEU A 55 -2.57 0.78 6.95
N ARG A 56 -3.05 1.26 8.10
CA ARG A 56 -3.77 2.54 8.21
C ARG A 56 -2.82 3.61 8.79
N PRO A 57 -3.12 4.95 8.61
CA PRO A 57 -2.32 6.07 9.23
C PRO A 57 -2.17 6.00 10.78
N ASP A 58 -2.83 5.01 11.43
CA ASP A 58 -2.80 4.82 12.89
C ASP A 58 -1.38 4.56 13.39
N VAL A 59 -0.58 3.86 12.57
CA VAL A 59 0.82 3.47 12.85
C VAL A 59 1.68 4.70 13.23
N PHE A 60 1.43 5.81 12.54
CA PHE A 60 2.12 7.09 12.77
C PHE A 60 1.72 7.67 14.14
N GLY A 61 2.72 7.88 15.01
CA GLY A 61 2.50 8.43 16.36
C GLY A 61 1.99 7.40 17.35
N ALA A 62 2.04 6.12 16.94
CA ALA A 62 1.53 4.98 17.72
C ALA A 62 2.73 4.16 18.23
N MET A 1 -13.21 -7.87 -6.21
CA MET A 1 -11.87 -7.50 -5.69
C MET A 1 -10.95 -8.72 -5.75
N LYS A 2 -9.67 -8.49 -6.16
CA LYS A 2 -8.63 -9.53 -6.25
C LYS A 2 -7.42 -9.12 -5.38
N LYS A 3 -7.04 -9.97 -4.41
CA LYS A 3 -5.93 -9.70 -3.48
C LYS A 3 -4.59 -9.99 -4.18
N ILE A 4 -3.58 -9.14 -3.92
CA ILE A 4 -2.25 -9.20 -4.59
C ILE A 4 -1.14 -9.18 -3.52
N PRO A 5 0.01 -9.89 -3.75
CA PRO A 5 1.24 -9.72 -2.94
C PRO A 5 1.83 -8.31 -3.17
N LEU A 6 2.13 -7.58 -2.06
CA LEU A 6 2.61 -6.17 -2.10
C LEU A 6 3.72 -5.98 -3.13
N SER A 7 4.72 -6.84 -3.03
CA SER A 7 5.93 -6.78 -3.85
C SER A 7 5.61 -6.89 -5.36
N LYS A 8 4.66 -7.78 -5.70
CA LYS A 8 4.19 -8.00 -7.10
C LYS A 8 3.23 -6.88 -7.54
N TYR A 9 2.60 -6.22 -6.57
CA TYR A 9 1.77 -5.04 -6.83
C TYR A 9 2.66 -3.86 -7.18
N LEU A 10 3.74 -3.66 -6.39
CA LEU A 10 4.61 -2.48 -6.47
C LEU A 10 5.32 -2.37 -7.83
N GLU A 11 5.86 -3.50 -8.32
CA GLU A 11 6.55 -3.55 -9.61
C GLU A 11 5.55 -3.46 -10.78
N GLU A 12 4.52 -4.33 -10.76
CA GLU A 12 3.67 -4.59 -11.94
C GLU A 12 2.48 -3.59 -12.02
N HIS A 13 1.68 -3.50 -10.94
CA HIS A 13 0.33 -2.88 -10.99
C HIS A 13 0.37 -1.37 -10.67
N GLY A 14 1.19 -0.97 -9.70
CA GLY A 14 1.27 0.42 -9.23
C GLY A 14 2.36 0.61 -8.19
N THR A 15 2.89 1.85 -8.05
CA THR A 15 4.10 2.12 -7.28
C THR A 15 3.75 2.36 -5.80
N GLN A 16 4.79 2.64 -4.99
CA GLN A 16 4.65 2.92 -3.55
C GLN A 16 3.96 4.29 -3.34
N SER A 17 4.27 5.22 -4.26
CA SER A 17 3.67 6.56 -4.32
C SER A 17 2.19 6.46 -4.71
N ALA A 18 1.91 5.67 -5.76
CA ALA A 18 0.56 5.44 -6.30
C ALA A 18 -0.32 4.72 -5.28
N LEU A 19 0.30 3.75 -4.59
CA LEU A 19 -0.37 2.91 -3.59
C LEU A 19 -0.85 3.81 -2.44
N ALA A 20 0.09 4.59 -1.88
CA ALA A 20 -0.17 5.58 -0.81
C ALA A 20 -1.20 6.64 -1.26
N ALA A 21 -1.17 7.02 -2.55
CA ALA A 21 -2.12 8.00 -3.13
C ALA A 21 -3.56 7.43 -3.17
N ALA A 22 -3.64 6.12 -3.41
CA ALA A 22 -4.92 5.37 -3.43
C ALA A 22 -5.44 5.13 -2.00
N LEU A 23 -4.50 4.99 -1.05
CA LEU A 23 -4.81 4.80 0.38
C LEU A 23 -5.08 6.15 1.06
N GLY A 24 -4.61 7.26 0.44
CA GLY A 24 -4.70 8.62 1.02
C GLY A 24 -3.78 8.79 2.23
N VAL A 25 -2.60 8.14 2.18
CA VAL A 25 -1.63 8.10 3.30
C VAL A 25 -0.25 8.58 2.82
N ASN A 26 0.68 8.65 3.78
CA ASN A 26 2.07 9.04 3.57
C ASN A 26 2.91 7.81 3.14
N GLN A 27 3.96 8.04 2.33
CA GLN A 27 4.89 6.97 1.88
C GLN A 27 5.74 6.43 3.03
N SER A 28 5.80 7.17 4.16
CA SER A 28 6.47 6.74 5.39
C SER A 28 5.88 5.40 5.91
N ALA A 29 4.53 5.32 5.83
CA ALA A 29 3.75 4.09 6.11
C ALA A 29 4.22 2.93 5.23
N ILE A 30 4.18 3.16 3.90
CA ILE A 30 4.54 2.13 2.89
C ILE A 30 6.01 1.65 3.07
N SER A 31 6.88 2.60 3.48
CA SER A 31 8.30 2.34 3.76
C SER A 31 8.47 1.34 4.91
N GLN A 32 7.68 1.49 5.99
CA GLN A 32 7.75 0.56 7.15
C GLN A 32 7.17 -0.82 6.80
N MET A 33 6.17 -0.83 5.91
CA MET A 33 5.52 -2.06 5.41
C MET A 33 6.52 -2.89 4.57
N VAL A 34 7.37 -2.16 3.83
CA VAL A 34 8.46 -2.70 3.02
C VAL A 34 9.64 -3.17 3.92
N ARG A 35 9.99 -2.35 4.92
CA ARG A 35 11.11 -2.63 5.87
C ARG A 35 10.76 -3.76 6.84
N ALA A 36 9.45 -3.98 7.05
CA ALA A 36 8.92 -5.06 7.93
C ALA A 36 9.29 -6.46 7.38
N GLY A 37 9.65 -6.50 6.07
CA GLY A 37 9.97 -7.74 5.37
C GLY A 37 8.72 -8.53 5.00
N ARG A 38 7.55 -7.94 5.29
CA ARG A 38 6.25 -8.59 5.13
C ARG A 38 5.65 -8.21 3.78
N CYS A 39 5.35 -9.23 2.96
CA CYS A 39 4.54 -9.07 1.76
C CYS A 39 3.08 -8.82 2.21
N ILE A 40 2.57 -7.65 1.86
CA ILE A 40 1.28 -7.15 2.34
C ILE A 40 0.17 -7.46 1.32
N ASP A 41 -1.02 -7.75 1.84
CA ASP A 41 -2.16 -8.18 1.05
C ASP A 41 -2.95 -6.94 0.55
N ILE A 42 -2.75 -6.61 -0.74
CA ILE A 42 -3.35 -5.43 -1.40
C ILE A 42 -4.64 -5.83 -2.13
N GLU A 43 -5.77 -5.34 -1.61
CA GLU A 43 -7.10 -5.51 -2.22
C GLU A 43 -7.23 -4.65 -3.50
N LEU A 44 -7.02 -5.26 -4.69
CA LEU A 44 -7.18 -4.56 -5.98
C LEU A 44 -8.66 -4.57 -6.41
N TYR A 45 -9.25 -3.38 -6.51
CA TYR A 45 -10.60 -3.19 -7.06
C TYR A 45 -10.45 -2.81 -8.55
N THR A 46 -11.31 -3.40 -9.40
CA THR A 46 -11.17 -3.36 -10.88
C THR A 46 -11.36 -1.94 -11.46
N ASP A 47 -11.97 -1.04 -10.68
CA ASP A 47 -12.21 0.37 -11.08
C ASP A 47 -10.94 1.24 -10.93
N GLY A 48 -9.93 0.70 -10.23
CA GLY A 48 -8.65 1.40 -10.06
C GLY A 48 -8.35 1.81 -8.62
N ARG A 49 -9.30 1.59 -7.69
CA ARG A 49 -9.05 1.74 -6.24
C ARG A 49 -8.32 0.50 -5.70
N VAL A 50 -7.51 0.69 -4.65
CA VAL A 50 -6.90 -0.41 -3.88
C VAL A 50 -6.96 -0.05 -2.38
N GLU A 51 -6.98 -1.09 -1.54
CA GLU A 51 -6.96 -0.93 -0.09
C GLU A 51 -6.01 -1.97 0.53
N CYS A 52 -5.10 -1.48 1.38
CA CYS A 52 -4.20 -2.35 2.14
C CYS A 52 -4.76 -2.58 3.54
N ARG A 53 -5.14 -3.83 3.88
CA ARG A 53 -5.72 -4.16 5.20
C ARG A 53 -4.71 -3.92 6.35
N GLU A 54 -3.44 -4.29 6.10
CA GLU A 54 -2.32 -4.11 7.05
C GLU A 54 -2.08 -2.61 7.37
N LEU A 55 -2.48 -1.74 6.43
CA LEU A 55 -2.35 -0.28 6.57
C LEU A 55 -3.45 0.21 7.52
N ARG A 56 -3.07 0.35 8.78
CA ARG A 56 -3.75 1.24 9.72
C ARG A 56 -3.17 2.67 9.52
N PRO A 57 -4.00 3.67 9.09
CA PRO A 57 -3.55 5.09 8.93
C PRO A 57 -3.05 5.75 10.25
N ASP A 58 -3.34 5.09 11.40
CA ASP A 58 -3.00 5.59 12.76
C ASP A 58 -1.48 5.57 12.98
N VAL A 59 -0.79 4.67 12.26
CA VAL A 59 0.66 4.44 12.35
C VAL A 59 1.47 5.77 12.27
N PHE A 60 1.04 6.69 11.38
CA PHE A 60 1.67 8.03 11.21
C PHE A 60 0.65 9.16 11.35
N GLY A 61 -0.62 8.80 11.69
CA GLY A 61 -1.74 9.76 11.69
C GLY A 61 -2.06 10.27 10.28
N ALA A 62 -1.78 9.41 9.29
CA ALA A 62 -1.86 9.71 7.85
C ALA A 62 -3.34 9.72 7.37
N MET A 1 -13.91 -7.27 -4.73
CA MET A 1 -12.70 -6.47 -5.00
C MET A 1 -11.52 -7.41 -5.36
N LYS A 2 -10.55 -6.84 -6.07
CA LYS A 2 -9.33 -7.55 -6.53
C LYS A 2 -8.21 -7.32 -5.51
N LYS A 3 -7.20 -8.21 -5.54
CA LYS A 3 -6.01 -8.12 -4.66
C LYS A 3 -4.73 -8.17 -5.47
N ILE A 4 -3.70 -7.43 -5.01
CA ILE A 4 -2.38 -7.29 -5.69
C ILE A 4 -1.25 -7.30 -4.64
N PRO A 5 -0.07 -7.89 -4.94
CA PRO A 5 1.15 -7.75 -4.11
C PRO A 5 1.63 -6.29 -4.14
N LEU A 6 1.91 -5.70 -2.95
CA LEU A 6 2.40 -4.30 -2.82
C LEU A 6 3.58 -4.06 -3.76
N SER A 7 4.48 -5.06 -3.85
CA SER A 7 5.64 -5.04 -4.73
C SER A 7 5.24 -4.86 -6.21
N LYS A 8 4.39 -5.77 -6.74
CA LYS A 8 3.94 -5.73 -8.15
C LYS A 8 2.99 -4.55 -8.42
N TYR A 9 2.41 -3.96 -7.37
CA TYR A 9 1.62 -2.72 -7.50
C TYR A 9 2.58 -1.56 -7.80
N LEU A 10 3.62 -1.42 -6.95
CA LEU A 10 4.63 -0.33 -7.06
C LEU A 10 5.42 -0.42 -8.38
N GLU A 11 5.52 -1.63 -8.94
CA GLU A 11 6.20 -1.86 -10.22
C GLU A 11 5.28 -1.55 -11.41
N GLU A 12 4.06 -2.12 -11.41
CA GLU A 12 3.20 -2.16 -12.62
C GLU A 12 2.11 -1.06 -12.62
N HIS A 13 1.34 -0.97 -11.52
CA HIS A 13 0.07 -0.20 -11.50
C HIS A 13 0.28 1.27 -11.11
N GLY A 14 1.06 1.48 -10.05
CA GLY A 14 1.36 2.81 -9.53
C GLY A 14 2.72 2.84 -8.90
N THR A 15 2.97 3.86 -8.09
CA THR A 15 4.21 4.03 -7.32
C THR A 15 3.91 4.32 -5.87
N GLN A 16 4.97 4.57 -5.08
CA GLN A 16 4.88 4.80 -3.64
C GLN A 16 4.08 6.08 -3.35
N SER A 17 4.48 7.17 -4.03
CA SER A 17 3.84 8.48 -3.91
C SER A 17 2.45 8.48 -4.53
N ALA A 18 2.31 7.76 -5.69
CA ALA A 18 1.04 7.61 -6.41
C ALA A 18 0.01 6.88 -5.55
N LEU A 19 0.51 5.88 -4.78
CA LEU A 19 -0.33 5.05 -3.91
C LEU A 19 -0.78 5.89 -2.72
N ALA A 20 0.19 6.60 -2.10
CA ALA A 20 -0.04 7.54 -0.98
C ALA A 20 -1.00 8.68 -1.38
N ALA A 21 -0.98 9.04 -2.67
CA ALA A 21 -1.86 10.07 -3.23
C ALA A 21 -3.29 9.53 -3.37
N ALA A 22 -3.38 8.29 -3.89
CA ALA A 22 -4.66 7.58 -4.12
C ALA A 22 -5.36 7.24 -2.78
N LEU A 23 -4.56 6.99 -1.74
CA LEU A 23 -5.06 6.67 -0.39
C LEU A 23 -5.29 7.97 0.40
N GLY A 24 -4.57 9.03 0.04
CA GLY A 24 -4.58 10.29 0.79
C GLY A 24 -3.80 10.19 2.09
N VAL A 25 -2.74 9.35 2.07
CA VAL A 25 -1.85 9.06 3.22
C VAL A 25 -0.42 9.55 2.95
N ASN A 26 0.50 9.28 3.90
CA ASN A 26 1.93 9.61 3.76
C ASN A 26 2.70 8.52 3.00
N GLN A 27 3.83 8.92 2.39
CA GLN A 27 4.80 7.99 1.76
C GLN A 27 5.52 7.19 2.84
N SER A 28 5.82 7.89 3.98
CA SER A 28 6.51 7.32 5.15
C SER A 28 5.73 6.13 5.73
N ALA A 29 4.39 6.25 5.70
CA ALA A 29 3.46 5.18 6.10
C ALA A 29 3.69 3.91 5.29
N ILE A 30 3.69 4.04 3.95
CA ILE A 30 3.94 2.92 3.03
C ILE A 30 5.34 2.33 3.26
N SER A 31 6.34 3.22 3.33
CA SER A 31 7.76 2.86 3.52
C SER A 31 8.00 2.19 4.88
N GLN A 32 7.18 2.52 5.90
CA GLN A 32 7.30 1.94 7.25
C GLN A 32 6.75 0.51 7.25
N MET A 33 5.65 0.31 6.49
CA MET A 33 5.03 -1.01 6.27
C MET A 33 6.00 -1.95 5.55
N VAL A 34 6.72 -1.38 4.57
CA VAL A 34 7.75 -2.07 3.79
C VAL A 34 8.96 -2.42 4.69
N ARG A 35 9.47 -1.41 5.44
CA ARG A 35 10.65 -1.54 6.33
C ARG A 35 10.39 -2.52 7.48
N ALA A 36 9.13 -2.58 7.96
CA ALA A 36 8.72 -3.41 9.10
C ALA A 36 8.67 -4.91 8.75
N GLY A 37 9.01 -5.27 7.49
CA GLY A 37 9.05 -6.65 7.03
C GLY A 37 7.67 -7.24 6.84
N ARG A 38 6.67 -6.34 6.67
CA ARG A 38 5.26 -6.74 6.51
C ARG A 38 4.96 -6.93 5.03
N CYS A 39 4.61 -8.16 4.63
CA CYS A 39 4.11 -8.45 3.28
C CYS A 39 2.69 -7.89 3.16
N ILE A 40 2.53 -6.84 2.34
CA ILE A 40 1.27 -6.09 2.23
C ILE A 40 0.61 -6.36 0.87
N ASP A 41 -0.71 -6.32 0.88
CA ASP A 41 -1.58 -6.55 -0.25
C ASP A 41 -2.42 -5.27 -0.47
N ILE A 42 -2.76 -4.95 -1.74
CA ILE A 42 -3.54 -3.75 -2.09
C ILE A 42 -4.92 -4.20 -2.64
N GLU A 43 -5.99 -3.77 -1.96
CA GLU A 43 -7.39 -4.02 -2.37
C GLU A 43 -7.81 -3.05 -3.49
N LEU A 44 -7.83 -3.58 -4.72
CA LEU A 44 -8.29 -2.84 -5.91
C LEU A 44 -9.82 -2.96 -6.03
N TYR A 45 -10.54 -1.87 -5.71
CA TYR A 45 -12.00 -1.77 -5.88
C TYR A 45 -12.39 -1.92 -7.37
N THR A 46 -13.62 -2.39 -7.60
CA THR A 46 -14.15 -2.72 -8.94
C THR A 46 -14.46 -1.47 -9.78
N ASP A 47 -14.60 -0.30 -9.10
CA ASP A 47 -14.80 1.00 -9.78
C ASP A 47 -13.47 1.50 -10.37
N GLY A 48 -12.34 0.90 -9.91
CA GLY A 48 -11.00 1.26 -10.38
C GLY A 48 -10.13 1.87 -9.29
N ARG A 49 -10.75 2.28 -8.16
CA ARG A 49 -10.01 2.87 -7.02
C ARG A 49 -9.14 1.79 -6.32
N VAL A 50 -7.97 2.21 -5.83
CA VAL A 50 -7.05 1.35 -5.06
C VAL A 50 -7.30 1.60 -3.56
N GLU A 51 -6.87 0.64 -2.71
CA GLU A 51 -7.01 0.77 -1.25
C GLU A 51 -5.99 -0.14 -0.55
N CYS A 52 -5.19 0.45 0.34
CA CYS A 52 -4.44 -0.31 1.33
C CYS A 52 -5.18 -0.18 2.67
N ARG A 53 -6.00 -1.20 3.01
CA ARG A 53 -6.82 -1.22 4.24
C ARG A 53 -5.88 -1.44 5.45
N GLU A 54 -4.77 -2.16 5.21
CA GLU A 54 -3.73 -2.41 6.21
C GLU A 54 -3.08 -1.10 6.66
N LEU A 55 -2.98 -0.13 5.73
CA LEU A 55 -2.40 1.17 5.98
C LEU A 55 -3.53 2.17 6.32
N ARG A 56 -3.76 2.32 7.62
CA ARG A 56 -4.64 3.36 8.16
C ARG A 56 -3.91 4.74 8.09
N PRO A 57 -4.66 5.88 7.95
CA PRO A 57 -4.07 7.24 8.07
C PRO A 57 -3.43 7.49 9.45
N ASP A 58 -4.00 6.81 10.47
CA ASP A 58 -3.71 7.02 11.90
C ASP A 58 -2.23 6.69 12.23
N VAL A 59 -1.63 5.86 11.36
CA VAL A 59 -0.20 5.49 11.38
C VAL A 59 0.71 6.75 11.48
N PHE A 60 0.46 7.77 10.63
CA PHE A 60 1.23 9.04 10.62
C PHE A 60 0.31 10.28 10.71
N GLY A 61 -0.96 10.07 11.11
CA GLY A 61 -1.95 11.16 11.22
C GLY A 61 -2.16 11.87 9.90
N ALA A 62 -2.34 11.05 8.84
CA ALA A 62 -2.33 11.49 7.44
C ALA A 62 -3.69 12.14 7.04
N MET A 1 -13.12 -5.39 -3.00
CA MET A 1 -11.66 -5.16 -3.10
C MET A 1 -10.97 -6.34 -3.80
N LYS A 2 -9.78 -6.06 -4.37
CA LYS A 2 -8.86 -7.08 -4.90
C LYS A 2 -7.51 -6.93 -4.19
N LYS A 3 -6.66 -7.94 -4.27
CA LYS A 3 -5.36 -7.96 -3.55
C LYS A 3 -4.18 -7.95 -4.52
N ILE A 4 -3.22 -7.05 -4.21
CA ILE A 4 -1.92 -6.95 -4.88
C ILE A 4 -0.83 -7.05 -3.79
N PRO A 5 0.32 -7.73 -4.07
CA PRO A 5 1.51 -7.68 -3.19
C PRO A 5 2.14 -6.28 -3.25
N LEU A 6 2.63 -5.76 -2.10
CA LEU A 6 3.15 -4.38 -1.96
C LEU A 6 4.21 -4.08 -3.02
N SER A 7 5.17 -5.00 -3.11
CA SER A 7 6.29 -4.91 -4.07
C SER A 7 5.77 -4.82 -5.52
N LYS A 8 4.83 -5.72 -5.88
CA LYS A 8 4.23 -5.77 -7.24
C LYS A 8 3.41 -4.52 -7.58
N TYR A 9 2.81 -3.89 -6.56
CA TYR A 9 2.10 -2.62 -6.73
C TYR A 9 3.12 -1.52 -7.03
N LEU A 10 4.17 -1.47 -6.19
CA LEU A 10 5.18 -0.40 -6.19
C LEU A 10 6.10 -0.45 -7.42
N GLU A 11 6.17 -1.61 -8.11
CA GLU A 11 6.90 -1.73 -9.39
C GLU A 11 5.97 -1.44 -10.57
N GLU A 12 4.85 -2.19 -10.62
CA GLU A 12 4.01 -2.27 -11.83
C GLU A 12 2.83 -1.26 -11.80
N HIS A 13 2.05 -1.28 -10.71
CA HIS A 13 0.70 -0.62 -10.65
C HIS A 13 0.76 0.84 -10.15
N GLY A 14 1.94 1.28 -9.68
CA GLY A 14 2.11 2.65 -9.20
C GLY A 14 3.40 2.81 -8.40
N THR A 15 3.73 4.05 -8.03
CA THR A 15 4.91 4.35 -7.20
C THR A 15 4.53 4.36 -5.70
N GLN A 16 5.53 4.57 -4.83
CA GLN A 16 5.32 4.74 -3.37
C GLN A 16 4.61 6.07 -3.10
N SER A 17 4.90 7.06 -3.97
CA SER A 17 4.26 8.38 -3.98
C SER A 17 2.78 8.27 -4.39
N ALA A 18 2.52 7.48 -5.46
CA ALA A 18 1.17 7.19 -5.97
C ALA A 18 0.35 6.44 -4.93
N LEU A 19 1.03 5.52 -4.22
CA LEU A 19 0.40 4.68 -3.21
C LEU A 19 -0.02 5.56 -2.01
N ALA A 20 0.95 6.31 -1.47
CA ALA A 20 0.74 7.26 -0.35
C ALA A 20 -0.24 8.40 -0.73
N ALA A 21 -0.39 8.67 -2.04
CA ALA A 21 -1.40 9.62 -2.55
C ALA A 21 -2.82 9.02 -2.42
N ALA A 22 -2.93 7.73 -2.78
CA ALA A 22 -4.18 6.96 -2.68
C ALA A 22 -4.56 6.65 -1.22
N LEU A 23 -3.53 6.52 -0.36
CA LEU A 23 -3.71 6.27 1.08
C LEU A 23 -3.90 7.60 1.84
N GLY A 24 -3.46 8.71 1.21
CA GLY A 24 -3.52 10.05 1.80
C GLY A 24 -2.50 10.24 2.93
N VAL A 25 -1.38 9.48 2.87
CA VAL A 25 -0.31 9.47 3.88
C VAL A 25 1.03 9.92 3.28
N ASN A 26 2.08 9.91 4.13
CA ASN A 26 3.46 10.13 3.70
C ASN A 26 4.09 8.78 3.29
N GLN A 27 5.11 8.87 2.42
CA GLN A 27 5.93 7.72 1.99
C GLN A 27 6.77 7.16 3.17
N SER A 28 6.88 7.97 4.23
CA SER A 28 7.50 7.58 5.52
C SER A 28 6.90 6.24 6.03
N ALA A 29 5.55 6.13 5.94
CA ALA A 29 4.82 4.88 6.22
C ALA A 29 5.36 3.75 5.37
N ILE A 30 5.25 3.91 4.03
CA ILE A 30 5.48 2.84 3.05
C ILE A 30 6.89 2.22 3.20
N SER A 31 7.88 3.11 3.40
CA SER A 31 9.30 2.73 3.53
C SER A 31 9.58 1.98 4.86
N GLN A 32 8.82 2.31 5.92
CA GLN A 32 8.90 1.63 7.23
C GLN A 32 8.19 0.25 7.19
N MET A 33 7.10 0.17 6.42
CA MET A 33 6.34 -1.08 6.17
C MET A 33 7.24 -2.09 5.40
N VAL A 34 8.06 -1.51 4.49
CA VAL A 34 9.09 -2.23 3.73
C VAL A 34 10.34 -2.51 4.61
N ARG A 35 10.63 -1.59 5.56
CA ARG A 35 11.81 -1.70 6.48
C ARG A 35 11.64 -2.90 7.42
N ALA A 36 10.37 -3.22 7.75
CA ALA A 36 10.01 -4.39 8.56
C ALA A 36 10.20 -5.72 7.79
N GLY A 37 10.49 -5.62 6.47
CA GLY A 37 10.69 -6.79 5.61
C GLY A 37 9.40 -7.46 5.22
N ARG A 38 8.29 -6.69 5.32
CA ARG A 38 6.94 -7.20 5.11
C ARG A 38 6.39 -6.76 3.75
N CYS A 39 6.09 -7.76 2.88
CA CYS A 39 5.29 -7.53 1.66
C CYS A 39 3.82 -7.47 2.07
N ILE A 40 3.23 -6.30 1.92
CA ILE A 40 1.88 -5.99 2.42
C ILE A 40 0.84 -6.16 1.31
N ASP A 41 -0.35 -6.66 1.66
CA ASP A 41 -1.44 -6.83 0.70
C ASP A 41 -2.22 -5.51 0.50
N ILE A 42 -2.61 -5.25 -0.75
CA ILE A 42 -3.13 -3.96 -1.22
C ILE A 42 -4.57 -4.13 -1.72
N GLU A 43 -5.53 -3.42 -1.10
CA GLU A 43 -6.92 -3.37 -1.58
C GLU A 43 -7.00 -2.45 -2.80
N LEU A 44 -6.97 -3.03 -4.00
CA LEU A 44 -7.21 -2.29 -5.25
C LEU A 44 -8.73 -2.28 -5.53
N TYR A 45 -9.30 -1.08 -5.70
CA TYR A 45 -10.73 -0.87 -5.96
C TYR A 45 -10.96 -0.56 -7.46
N THR A 46 -12.20 -0.80 -7.92
CA THR A 46 -12.58 -0.78 -9.34
C THR A 46 -12.32 0.60 -10.02
N ASP A 47 -12.49 1.69 -9.25
CA ASP A 47 -12.35 3.07 -9.74
C ASP A 47 -10.87 3.52 -9.81
N GLY A 48 -9.99 2.72 -9.20
CA GLY A 48 -8.56 3.01 -9.13
C GLY A 48 -8.11 3.40 -7.73
N ARG A 49 -9.07 3.58 -6.80
CA ARG A 49 -8.77 3.88 -5.38
C ARG A 49 -7.99 2.72 -4.74
N VAL A 50 -7.04 3.05 -3.86
CA VAL A 50 -6.25 2.06 -3.13
C VAL A 50 -6.29 2.37 -1.63
N GLU A 51 -6.55 1.33 -0.84
CA GLU A 51 -6.33 1.31 0.61
C GLU A 51 -5.45 0.10 0.93
N CYS A 52 -4.47 0.28 1.81
CA CYS A 52 -3.58 -0.79 2.27
C CYS A 52 -4.06 -1.32 3.64
N ARG A 53 -4.10 -2.67 3.82
CA ARG A 53 -4.63 -3.29 5.07
C ARG A 53 -3.78 -2.92 6.29
N GLU A 54 -2.45 -3.09 6.16
CA GLU A 54 -1.50 -2.84 7.27
C GLU A 54 -1.33 -1.33 7.55
N LEU A 55 -1.83 -0.50 6.61
CA LEU A 55 -1.72 0.95 6.68
C LEU A 55 -3.09 1.53 7.06
N ARG A 56 -3.27 1.75 8.35
CA ARG A 56 -4.42 2.50 8.90
C ARG A 56 -4.21 4.02 8.70
N PRO A 57 -5.31 4.85 8.70
CA PRO A 57 -5.21 6.34 8.71
C PRO A 57 -4.50 6.90 9.98
N ASP A 58 -4.39 6.03 11.00
CA ASP A 58 -3.90 6.37 12.35
C ASP A 58 -2.37 6.53 12.38
N VAL A 59 -1.71 6.08 11.30
CA VAL A 59 -0.25 6.16 11.14
C VAL A 59 0.24 7.63 11.16
N PHE A 60 -0.54 8.52 10.53
CA PHE A 60 -0.26 9.98 10.52
C PHE A 60 -1.56 10.75 10.83
N GLY A 61 -2.51 10.64 9.88
CA GLY A 61 -3.79 11.34 9.95
C GLY A 61 -4.36 11.49 8.55
N ALA A 62 -4.68 10.33 7.93
CA ALA A 62 -5.14 10.24 6.54
C ALA A 62 -6.64 10.58 6.43
N MET A 1 -13.31 -8.79 -4.61
CA MET A 1 -12.07 -7.97 -4.77
C MET A 1 -10.89 -8.89 -5.12
N LYS A 2 -10.04 -8.45 -6.07
CA LYS A 2 -8.86 -9.19 -6.48
C LYS A 2 -7.64 -8.65 -5.71
N LYS A 3 -7.05 -9.49 -4.85
CA LYS A 3 -5.86 -9.14 -4.05
C LYS A 3 -4.59 -9.22 -4.91
N ILE A 4 -3.65 -8.33 -4.60
CA ILE A 4 -2.32 -8.28 -5.24
C ILE A 4 -1.27 -8.22 -4.13
N PRO A 5 -0.12 -8.93 -4.28
CA PRO A 5 1.03 -8.77 -3.36
C PRO A 5 1.62 -7.34 -3.51
N LEU A 6 1.95 -6.68 -2.38
CA LEU A 6 2.41 -5.28 -2.33
C LEU A 6 3.54 -5.02 -3.34
N SER A 7 4.59 -5.85 -3.24
CA SER A 7 5.76 -5.80 -4.11
C SER A 7 5.38 -5.91 -5.60
N LYS A 8 4.48 -6.85 -5.92
CA LYS A 8 4.02 -7.10 -7.31
C LYS A 8 3.17 -5.94 -7.85
N TYR A 9 2.45 -5.26 -6.98
CA TYR A 9 1.67 -4.06 -7.36
C TYR A 9 2.65 -2.92 -7.71
N LEU A 10 3.69 -2.80 -6.88
CA LEU A 10 4.71 -1.74 -7.00
C LEU A 10 5.63 -1.98 -8.22
N GLU A 11 5.78 -3.24 -8.61
CA GLU A 11 6.56 -3.62 -9.79
C GLU A 11 5.72 -3.45 -11.08
N GLU A 12 4.46 -3.89 -11.03
CA GLU A 12 3.65 -4.06 -12.25
C GLU A 12 2.68 -2.89 -12.51
N HIS A 13 1.84 -2.54 -11.51
CA HIS A 13 0.66 -1.67 -11.73
C HIS A 13 0.99 -0.18 -11.49
N GLY A 14 1.63 0.13 -10.37
CA GLY A 14 1.91 1.51 -9.98
C GLY A 14 3.18 1.61 -9.15
N THR A 15 3.66 2.83 -8.91
CA THR A 15 4.84 3.07 -8.07
C THR A 15 4.40 3.26 -6.61
N GLN A 16 5.37 3.45 -5.71
CA GLN A 16 5.10 3.72 -4.29
C GLN A 16 4.47 5.10 -4.13
N SER A 17 4.86 6.02 -5.04
CA SER A 17 4.33 7.38 -5.14
C SER A 17 2.87 7.35 -5.59
N ALA A 18 2.60 6.56 -6.64
CA ALA A 18 1.25 6.35 -7.18
C ALA A 18 0.34 5.75 -6.10
N LEU A 19 0.87 4.72 -5.42
CA LEU A 19 0.10 3.95 -4.44
C LEU A 19 -0.21 4.83 -3.20
N ALA A 20 0.77 5.64 -2.78
CA ALA A 20 0.61 6.57 -1.64
C ALA A 20 -0.43 7.66 -1.95
N ALA A 21 -0.45 8.14 -3.20
CA ALA A 21 -1.45 9.13 -3.66
C ALA A 21 -2.85 8.48 -3.75
N ALA A 22 -2.88 7.18 -4.10
CA ALA A 22 -4.11 6.39 -4.23
C ALA A 22 -4.75 6.12 -2.87
N LEU A 23 -3.90 5.87 -1.86
CA LEU A 23 -4.32 5.59 -0.48
C LEU A 23 -4.51 6.89 0.32
N GLY A 24 -3.95 8.01 -0.21
CA GLY A 24 -3.94 9.30 0.50
C GLY A 24 -2.93 9.34 1.65
N VAL A 25 -1.94 8.43 1.58
CA VAL A 25 -0.91 8.25 2.64
C VAL A 25 0.45 8.81 2.20
N ASN A 26 1.40 8.83 3.13
CA ASN A 26 2.80 9.18 2.85
C ASN A 26 3.60 7.90 2.54
N GLN A 27 4.58 8.04 1.62
CA GLN A 27 5.43 6.91 1.15
C GLN A 27 6.27 6.31 2.28
N SER A 28 6.47 7.07 3.38
CA SER A 28 7.22 6.61 4.57
C SER A 28 6.65 5.27 5.10
N ALA A 29 5.32 5.22 5.24
CA ALA A 29 4.59 4.01 5.66
C ALA A 29 4.88 2.84 4.70
N ILE A 30 4.52 3.01 3.41
CA ILE A 30 4.61 1.95 2.37
C ILE A 30 6.04 1.36 2.26
N SER A 31 7.04 2.25 2.30
CA SER A 31 8.47 1.89 2.17
C SER A 31 8.95 1.00 3.35
N GLN A 32 8.43 1.29 4.56
CA GLN A 32 8.73 0.47 5.77
C GLN A 32 8.06 -0.91 5.66
N MET A 33 6.89 -0.95 5.02
CA MET A 33 6.11 -2.19 4.80
C MET A 33 6.83 -3.08 3.75
N VAL A 34 7.50 -2.41 2.79
CA VAL A 34 8.32 -3.03 1.73
C VAL A 34 9.63 -3.59 2.32
N ARG A 35 10.32 -2.74 3.08
CA ARG A 35 11.65 -3.04 3.67
C ARG A 35 11.52 -4.02 4.85
N ALA A 36 10.29 -4.12 5.41
CA ALA A 36 9.95 -5.13 6.44
C ALA A 36 10.02 -6.55 5.86
N GLY A 37 9.90 -6.65 4.51
CA GLY A 37 9.89 -7.92 3.80
C GLY A 37 8.62 -8.69 4.04
N ARG A 38 7.54 -7.96 4.39
CA ARG A 38 6.21 -8.54 4.65
C ARG A 38 5.32 -8.29 3.42
N CYS A 39 4.79 -9.39 2.83
CA CYS A 39 3.88 -9.31 1.68
C CYS A 39 2.52 -8.77 2.13
N ILE A 40 2.20 -7.56 1.66
CA ILE A 40 0.97 -6.86 2.07
C ILE A 40 -0.11 -7.02 0.99
N ASP A 41 -1.36 -7.13 1.43
CA ASP A 41 -2.51 -7.38 0.55
C ASP A 41 -3.11 -6.05 0.03
N ILE A 42 -2.92 -5.81 -1.27
CA ILE A 42 -3.55 -4.70 -1.99
C ILE A 42 -4.86 -5.19 -2.61
N GLU A 43 -5.98 -4.81 -2.00
CA GLU A 43 -7.32 -5.05 -2.54
C GLU A 43 -7.54 -4.14 -3.75
N LEU A 44 -7.33 -4.70 -4.95
CA LEU A 44 -7.62 -4.02 -6.20
C LEU A 44 -9.11 -4.26 -6.53
N TYR A 45 -9.83 -3.16 -6.74
CA TYR A 45 -11.26 -3.14 -7.09
C TYR A 45 -11.40 -2.86 -8.59
N THR A 46 -12.53 -3.31 -9.16
CA THR A 46 -12.75 -3.34 -10.62
C THR A 46 -12.83 -1.92 -11.25
N ASP A 47 -13.24 -0.93 -10.44
CA ASP A 47 -13.34 0.49 -10.87
C ASP A 47 -11.94 1.12 -10.94
N GLY A 48 -10.96 0.48 -10.29
CA GLY A 48 -9.56 0.91 -10.31
C GLY A 48 -9.04 1.37 -8.96
N ARG A 49 -9.94 1.47 -7.95
CA ARG A 49 -9.53 1.83 -6.57
C ARG A 49 -8.73 0.70 -5.91
N VAL A 50 -7.70 1.08 -5.14
CA VAL A 50 -6.85 0.12 -4.41
C VAL A 50 -6.91 0.40 -2.91
N GLU A 51 -6.63 -0.64 -2.12
CA GLU A 51 -6.68 -0.59 -0.67
C GLU A 51 -5.52 -1.41 -0.10
N CYS A 52 -4.71 -0.76 0.73
CA CYS A 52 -3.69 -1.45 1.53
C CYS A 52 -4.32 -1.72 2.90
N ARG A 53 -4.77 -2.96 3.10
CA ARG A 53 -5.55 -3.34 4.31
C ARG A 53 -4.69 -3.32 5.58
N GLU A 54 -3.39 -3.65 5.42
CA GLU A 54 -2.40 -3.61 6.51
C GLU A 54 -2.00 -2.14 6.84
N LEU A 55 -2.43 -1.18 6.01
CA LEU A 55 -2.13 0.24 6.20
C LEU A 55 -3.44 0.97 6.57
N ARG A 56 -3.64 1.11 7.88
CA ARG A 56 -4.69 1.94 8.46
C ARG A 56 -4.17 3.39 8.68
N PRO A 57 -5.09 4.42 8.82
CA PRO A 57 -4.70 5.83 9.14
C PRO A 57 -3.96 6.00 10.50
N ASP A 58 -3.83 4.91 11.28
CA ASP A 58 -3.14 4.90 12.58
C ASP A 58 -1.65 5.25 12.42
N VAL A 59 -1.07 4.82 11.28
CA VAL A 59 0.37 4.93 10.99
C VAL A 59 0.83 6.41 10.89
N PHE A 60 -0.14 7.30 10.64
CA PHE A 60 0.08 8.74 10.50
C PHE A 60 0.44 9.35 11.87
N GLY A 61 -0.48 9.23 12.84
CA GLY A 61 -0.29 9.75 14.19
C GLY A 61 0.21 8.68 15.15
N ALA A 62 1.07 7.79 14.63
CA ALA A 62 1.65 6.68 15.37
C ALA A 62 2.94 7.15 16.09
N MET A 1 -12.28 -6.92 -5.59
CA MET A 1 -11.00 -6.16 -5.60
C MET A 1 -9.83 -7.10 -5.95
N LYS A 2 -8.76 -6.52 -6.54
CA LYS A 2 -7.49 -7.21 -6.82
C LYS A 2 -6.49 -6.91 -5.70
N LYS A 3 -6.13 -7.93 -4.91
CA LYS A 3 -5.11 -7.78 -3.85
C LYS A 3 -3.72 -7.90 -4.50
N ILE A 4 -3.06 -6.76 -4.66
CA ILE A 4 -1.71 -6.69 -5.24
C ILE A 4 -0.68 -6.61 -4.10
N PRO A 5 0.49 -7.31 -4.21
CA PRO A 5 1.62 -7.14 -3.27
C PRO A 5 2.25 -5.73 -3.45
N LEU A 6 2.63 -5.11 -2.32
CA LEU A 6 3.15 -3.72 -2.25
C LEU A 6 4.20 -3.43 -3.35
N SER A 7 5.33 -4.17 -3.32
CA SER A 7 6.44 -3.99 -4.28
C SER A 7 5.99 -4.24 -5.74
N LYS A 8 5.15 -5.27 -5.93
CA LYS A 8 4.64 -5.67 -7.27
C LYS A 8 3.78 -4.54 -7.88
N TYR A 9 3.06 -3.82 -6.99
CA TYR A 9 2.26 -2.65 -7.35
C TYR A 9 3.20 -1.49 -7.71
N LEU A 10 4.21 -1.26 -6.83
CA LEU A 10 5.14 -0.12 -6.91
C LEU A 10 6.01 -0.16 -8.20
N GLU A 11 6.14 -1.35 -8.80
CA GLU A 11 6.87 -1.54 -10.06
C GLU A 11 5.93 -1.43 -11.29
N GLU A 12 4.76 -2.10 -11.20
CA GLU A 12 3.92 -2.38 -12.39
C GLU A 12 2.74 -1.42 -12.55
N HIS A 13 1.96 -1.21 -11.47
CA HIS A 13 0.65 -0.52 -11.55
C HIS A 13 0.74 0.98 -11.25
N GLY A 14 1.43 1.32 -10.16
CA GLY A 14 1.58 2.71 -9.73
C GLY A 14 2.88 2.91 -8.98
N THR A 15 3.26 4.18 -8.77
CA THR A 15 4.49 4.54 -8.05
C THR A 15 4.19 4.69 -6.55
N GLN A 16 5.24 4.99 -5.76
CA GLN A 16 5.12 5.26 -4.32
C GLN A 16 4.40 6.60 -4.15
N SER A 17 4.71 7.52 -5.09
CA SER A 17 4.07 8.82 -5.22
C SER A 17 2.56 8.66 -5.48
N ALA A 18 2.22 7.78 -6.45
CA ALA A 18 0.83 7.52 -6.88
C ALA A 18 0.01 6.92 -5.74
N LEU A 19 0.64 5.99 -5.02
CA LEU A 19 0.01 5.23 -3.96
C LEU A 19 -0.30 6.15 -2.77
N ALA A 20 0.71 6.92 -2.33
CA ALA A 20 0.57 7.93 -1.26
C ALA A 20 -0.43 9.04 -1.64
N ALA A 21 -0.44 9.41 -2.94
CA ALA A 21 -1.35 10.45 -3.47
C ALA A 21 -2.81 9.98 -3.44
N ALA A 22 -3.01 8.65 -3.65
CA ALA A 22 -4.32 8.01 -3.57
C ALA A 22 -4.83 7.98 -2.13
N LEU A 23 -3.93 7.60 -1.22
CA LEU A 23 -4.21 7.48 0.23
C LEU A 23 -4.31 8.89 0.90
N GLY A 24 -3.75 9.91 0.22
CA GLY A 24 -3.69 11.28 0.75
C GLY A 24 -2.62 11.45 1.82
N VAL A 25 -1.64 10.53 1.81
CA VAL A 25 -0.54 10.48 2.81
C VAL A 25 0.82 10.78 2.14
N ASN A 26 1.88 10.79 2.95
CA ASN A 26 3.28 10.98 2.50
C ASN A 26 3.88 9.63 2.08
N GLN A 27 4.86 9.65 1.15
CA GLN A 27 5.57 8.44 0.69
C GLN A 27 6.34 7.76 1.83
N SER A 28 6.73 8.56 2.85
CA SER A 28 7.40 8.06 4.06
C SER A 28 6.52 7.05 4.83
N ALA A 29 5.17 7.12 4.63
CA ALA A 29 4.24 6.10 5.14
C ALA A 29 4.57 4.74 4.53
N ILE A 30 4.50 4.68 3.18
CA ILE A 30 4.77 3.45 2.41
C ILE A 30 6.21 2.95 2.68
N SER A 31 7.14 3.89 2.91
CA SER A 31 8.56 3.62 3.19
C SER A 31 8.74 2.91 4.55
N GLN A 32 7.97 3.34 5.57
CA GLN A 32 7.97 2.68 6.91
C GLN A 32 7.35 1.28 6.82
N MET A 33 6.39 1.14 5.90
CA MET A 33 5.65 -0.12 5.64
C MET A 33 6.54 -1.14 4.88
N VAL A 34 7.43 -0.59 4.02
CA VAL A 34 8.49 -1.33 3.32
C VAL A 34 9.58 -1.77 4.31
N ARG A 35 9.97 -0.83 5.19
CA ARG A 35 11.08 -0.99 6.15
C ARG A 35 10.72 -2.02 7.23
N ALA A 36 9.43 -2.02 7.63
CA ALA A 36 8.87 -2.97 8.60
C ALA A 36 9.01 -4.44 8.12
N GLY A 37 9.11 -4.61 6.78
CA GLY A 37 9.28 -5.94 6.16
C GLY A 37 8.01 -6.76 6.19
N ARG A 38 6.88 -6.08 6.40
CA ARG A 38 5.54 -6.68 6.41
C ARG A 38 4.96 -6.54 4.99
N CYS A 39 4.53 -7.66 4.38
CA CYS A 39 3.93 -7.67 3.04
C CYS A 39 2.59 -6.93 3.07
N ILE A 40 2.50 -5.79 2.37
CA ILE A 40 1.31 -4.92 2.37
C ILE A 40 0.47 -5.22 1.13
N ASP A 41 -0.84 -5.44 1.34
CA ASP A 41 -1.80 -5.66 0.24
C ASP A 41 -2.33 -4.29 -0.21
N ILE A 42 -2.06 -3.95 -1.47
CA ILE A 42 -2.68 -2.81 -2.13
C ILE A 42 -3.99 -3.29 -2.79
N GLU A 43 -5.09 -2.95 -2.12
CA GLU A 43 -6.44 -3.31 -2.54
C GLU A 43 -6.87 -2.42 -3.73
N LEU A 44 -6.69 -2.98 -4.92
CA LEU A 44 -6.97 -2.31 -6.20
C LEU A 44 -8.45 -2.50 -6.57
N TYR A 45 -9.17 -1.38 -6.69
CA TYR A 45 -10.55 -1.34 -7.19
C TYR A 45 -10.53 -1.29 -8.73
N THR A 46 -11.65 -1.72 -9.35
CA THR A 46 -11.75 -1.94 -10.81
C THR A 46 -11.90 -0.62 -11.62
N ASP A 47 -12.02 0.52 -10.92
CA ASP A 47 -12.04 1.86 -11.55
C ASP A 47 -10.62 2.46 -11.60
N GLY A 48 -9.71 1.91 -10.77
CA GLY A 48 -8.32 2.40 -10.68
C GLY A 48 -7.97 3.01 -9.33
N ARG A 49 -8.97 3.17 -8.45
CA ARG A 49 -8.74 3.58 -7.04
C ARG A 49 -7.96 2.48 -6.31
N VAL A 50 -7.04 2.84 -5.41
CA VAL A 50 -6.31 1.88 -4.56
C VAL A 50 -6.45 2.25 -3.07
N GLU A 51 -6.50 1.22 -2.22
CA GLU A 51 -6.64 1.37 -0.77
C GLU A 51 -5.65 0.43 -0.08
N CYS A 52 -4.81 1.00 0.77
CA CYS A 52 -3.96 0.25 1.67
C CYS A 52 -4.65 0.16 3.03
N ARG A 53 -5.29 -1.00 3.32
CA ARG A 53 -6.06 -1.21 4.57
C ARG A 53 -5.15 -1.19 5.80
N GLU A 54 -3.88 -1.57 5.57
CA GLU A 54 -2.79 -1.49 6.55
C GLU A 54 -2.55 -0.05 7.02
N LEU A 55 -2.67 0.89 6.07
CA LEU A 55 -2.31 2.29 6.26
C LEU A 55 -3.39 2.98 7.10
N ARG A 56 -3.17 2.99 8.40
CA ARG A 56 -3.87 3.85 9.35
C ARG A 56 -3.04 5.13 9.55
N PRO A 57 -3.67 6.31 9.88
CA PRO A 57 -2.92 7.56 10.20
C PRO A 57 -1.96 7.41 11.42
N ASP A 58 -2.12 6.30 12.18
CA ASP A 58 -1.34 6.01 13.41
C ASP A 58 0.13 5.63 13.09
N VAL A 59 0.38 5.30 11.80
CA VAL A 59 1.71 4.86 11.29
C VAL A 59 2.85 5.86 11.68
N PHE A 60 2.63 7.16 11.43
CA PHE A 60 3.60 8.23 11.83
C PHE A 60 2.92 9.62 11.80
N GLY A 61 1.59 9.62 11.81
CA GLY A 61 0.81 10.82 11.48
C GLY A 61 0.60 10.90 9.97
N ALA A 62 0.16 9.76 9.40
CA ALA A 62 -0.04 9.61 7.95
C ALA A 62 -1.33 10.32 7.50
N MET A 1 -12.26 -9.11 -8.12
CA MET A 1 -11.52 -8.74 -6.89
C MET A 1 -10.49 -9.84 -6.58
N LYS A 2 -9.24 -9.63 -7.01
CA LYS A 2 -8.13 -10.56 -6.76
C LYS A 2 -7.02 -9.87 -5.95
N LYS A 3 -6.15 -10.67 -5.32
CA LYS A 3 -5.09 -10.19 -4.44
C LYS A 3 -3.71 -10.27 -5.11
N ILE A 4 -2.81 -9.34 -4.76
CA ILE A 4 -1.46 -9.26 -5.31
C ILE A 4 -0.42 -9.12 -4.17
N PRO A 5 0.79 -9.78 -4.30
CA PRO A 5 1.92 -9.56 -3.37
C PRO A 5 2.47 -8.12 -3.51
N LEU A 6 2.80 -7.47 -2.36
CA LEU A 6 3.19 -6.04 -2.31
C LEU A 6 4.30 -5.71 -3.31
N SER A 7 5.41 -6.47 -3.24
CA SER A 7 6.59 -6.24 -4.08
C SER A 7 6.25 -6.34 -5.58
N LYS A 8 5.48 -7.37 -5.94
CA LYS A 8 5.06 -7.63 -7.33
C LYS A 8 4.13 -6.51 -7.84
N TYR A 9 3.29 -5.99 -6.93
CA TYR A 9 2.37 -4.88 -7.21
C TYR A 9 3.17 -3.61 -7.56
N LEU A 10 4.20 -3.31 -6.75
CA LEU A 10 5.04 -2.10 -6.88
C LEU A 10 5.71 -2.04 -8.26
N GLU A 11 6.05 -3.22 -8.78
CA GLU A 11 6.70 -3.38 -10.08
C GLU A 11 5.68 -3.33 -11.25
N GLU A 12 4.60 -4.11 -11.12
CA GLU A 12 3.73 -4.47 -12.25
C GLU A 12 2.55 -3.48 -12.44
N HIS A 13 1.87 -3.10 -11.34
CA HIS A 13 0.61 -2.30 -11.42
C HIS A 13 0.83 -0.82 -11.05
N GLY A 14 1.49 -0.58 -9.91
CA GLY A 14 1.65 0.79 -9.38
C GLY A 14 2.75 0.87 -8.36
N THR A 15 3.44 2.02 -8.28
CA THR A 15 4.66 2.20 -7.48
C THR A 15 4.32 2.54 -6.04
N GLN A 16 5.35 2.76 -5.20
CA GLN A 16 5.16 3.12 -3.77
C GLN A 16 4.56 4.53 -3.66
N SER A 17 4.91 5.39 -4.63
CA SER A 17 4.36 6.73 -4.78
C SER A 17 2.86 6.64 -5.15
N ALA A 18 2.59 5.79 -6.15
CA ALA A 18 1.24 5.57 -6.67
C ALA A 18 0.32 4.93 -5.63
N LEU A 19 0.92 4.02 -4.85
CA LEU A 19 0.20 3.19 -3.87
C LEU A 19 -0.19 4.07 -2.68
N ALA A 20 0.76 4.90 -2.22
CA ALA A 20 0.52 5.92 -1.17
C ALA A 20 -0.55 6.94 -1.61
N ALA A 21 -0.54 7.29 -2.90
CA ALA A 21 -1.56 8.20 -3.49
C ALA A 21 -2.95 7.54 -3.46
N ALA A 22 -2.98 6.25 -3.81
CA ALA A 22 -4.21 5.44 -3.91
C ALA A 22 -4.89 5.28 -2.54
N LEU A 23 -4.07 4.93 -1.52
CA LEU A 23 -4.53 4.72 -0.14
C LEU A 23 -4.84 6.07 0.57
N GLY A 24 -4.22 7.16 0.06
CA GLY A 24 -4.31 8.48 0.68
C GLY A 24 -3.36 8.63 1.85
N VAL A 25 -2.24 7.87 1.81
CA VAL A 25 -1.26 7.79 2.89
C VAL A 25 0.11 8.30 2.45
N ASN A 26 1.09 8.27 3.39
CA ASN A 26 2.50 8.57 3.11
C ASN A 26 3.19 7.34 2.52
N GLN A 27 4.23 7.58 1.69
CA GLN A 27 5.12 6.51 1.18
C GLN A 27 5.86 5.85 2.34
N SER A 28 6.15 6.66 3.38
CA SER A 28 6.84 6.23 4.61
C SER A 28 6.15 5.01 5.26
N ALA A 29 4.81 4.94 5.10
CA ALA A 29 3.99 3.81 5.55
C ALA A 29 4.35 2.53 4.77
N ILE A 30 4.25 2.59 3.42
CA ILE A 30 4.57 1.45 2.52
C ILE A 30 6.04 0.99 2.70
N SER A 31 6.93 1.98 2.83
CA SER A 31 8.38 1.77 3.00
C SER A 31 8.69 1.08 4.35
N GLN A 32 7.88 1.42 5.39
CA GLN A 32 7.96 0.76 6.72
C GLN A 32 7.54 -0.71 6.58
N MET A 33 6.45 -0.94 5.84
CA MET A 33 5.85 -2.26 5.59
C MET A 33 6.79 -3.17 4.74
N VAL A 34 7.58 -2.53 3.87
CA VAL A 34 8.62 -3.18 3.04
C VAL A 34 9.82 -3.59 3.91
N ARG A 35 10.35 -2.61 4.65
CA ARG A 35 11.57 -2.78 5.48
C ARG A 35 11.27 -3.54 6.79
N ALA A 36 9.97 -3.76 7.07
CA ALA A 36 9.52 -4.63 8.17
C ALA A 36 9.88 -6.10 7.88
N GLY A 37 10.08 -6.41 6.57
CA GLY A 37 10.31 -7.76 6.10
C GLY A 37 9.04 -8.59 6.13
N ARG A 38 7.88 -7.89 6.06
CA ARG A 38 6.56 -8.52 6.14
C ARG A 38 5.94 -8.62 4.73
N CYS A 39 5.49 -9.83 4.35
CA CYS A 39 4.76 -10.03 3.09
C CYS A 39 3.37 -9.40 3.20
N ILE A 40 3.14 -8.32 2.42
CA ILE A 40 1.87 -7.58 2.48
C ILE A 40 0.98 -7.97 1.28
N ASP A 41 -0.33 -8.03 1.56
CA ASP A 41 -1.38 -8.40 0.60
C ASP A 41 -2.15 -7.14 0.16
N ILE A 42 -2.22 -6.92 -1.16
CA ILE A 42 -2.91 -5.76 -1.77
C ILE A 42 -4.16 -6.26 -2.51
N GLU A 43 -5.35 -5.94 -1.98
CA GLU A 43 -6.62 -6.32 -2.60
C GLU A 43 -6.93 -5.36 -3.76
N LEU A 44 -7.04 -5.92 -4.98
CA LEU A 44 -7.40 -5.18 -6.21
C LEU A 44 -8.91 -5.22 -6.40
N TYR A 45 -9.58 -4.07 -6.17
CA TYR A 45 -11.01 -3.87 -6.46
C TYR A 45 -11.31 -4.05 -7.97
N THR A 46 -12.57 -4.39 -8.28
CA THR A 46 -13.01 -4.76 -9.65
C THR A 46 -12.90 -3.59 -10.65
N ASP A 47 -13.01 -2.34 -10.15
CA ASP A 47 -12.91 -1.12 -11.00
C ASP A 47 -11.44 -0.75 -11.25
N GLY A 48 -10.53 -1.36 -10.47
CA GLY A 48 -9.09 -1.18 -10.60
C GLY A 48 -8.44 -0.52 -9.39
N ARG A 49 -9.24 0.11 -8.51
CA ARG A 49 -8.74 0.69 -7.23
C ARG A 49 -8.19 -0.40 -6.29
N VAL A 50 -7.44 0.02 -5.26
CA VAL A 50 -6.81 -0.92 -4.31
C VAL A 50 -7.06 -0.52 -2.87
N GLU A 51 -6.84 -1.48 -1.99
CA GLU A 51 -6.66 -1.28 -0.56
C GLU A 51 -5.44 -2.11 -0.12
N CYS A 52 -4.65 -1.57 0.79
CA CYS A 52 -3.60 -2.32 1.49
C CYS A 52 -4.19 -2.74 2.84
N ARG A 53 -4.43 -4.04 3.02
CA ARG A 53 -5.15 -4.55 4.21
C ARG A 53 -4.31 -4.42 5.50
N GLU A 54 -2.98 -4.45 5.37
CA GLU A 54 -2.07 -4.30 6.53
C GLU A 54 -1.82 -2.81 6.89
N LEU A 55 -2.22 -1.90 5.98
CA LEU A 55 -2.08 -0.45 6.19
C LEU A 55 -3.01 -0.04 7.34
N ARG A 56 -2.39 0.10 8.50
CA ARG A 56 -2.99 0.74 9.65
C ARG A 56 -2.60 2.23 9.62
N PRO A 57 -3.59 3.18 9.53
CA PRO A 57 -3.34 4.65 9.60
C PRO A 57 -2.73 5.13 10.94
N ASP A 58 -2.60 4.18 11.89
CA ASP A 58 -1.94 4.40 13.19
C ASP A 58 -0.45 4.73 12.99
N VAL A 59 0.12 4.21 11.88
CA VAL A 59 1.55 4.39 11.50
C VAL A 59 1.95 5.90 11.46
N PHE A 60 0.96 6.75 11.15
CA PHE A 60 1.12 8.22 11.13
C PHE A 60 1.41 8.77 12.54
N GLY A 61 0.51 8.46 13.50
CA GLY A 61 0.62 8.91 14.88
C GLY A 61 1.38 7.92 15.76
N ALA A 62 2.38 7.27 15.15
CA ALA A 62 3.20 6.22 15.78
C ALA A 62 4.64 6.74 15.95
N MET A 1 -12.57 -7.12 -4.77
CA MET A 1 -11.17 -6.65 -4.80
C MET A 1 -10.22 -7.84 -4.98
N LYS A 2 -9.12 -7.60 -5.72
CA LYS A 2 -8.03 -8.58 -5.85
C LYS A 2 -6.94 -8.25 -4.82
N LYS A 3 -6.44 -9.29 -4.18
CA LYS A 3 -5.34 -9.23 -3.23
C LYS A 3 -3.99 -9.21 -3.98
N ILE A 4 -3.09 -8.31 -3.59
CA ILE A 4 -1.77 -8.13 -4.24
C ILE A 4 -0.67 -8.03 -3.16
N PRO A 5 0.54 -8.62 -3.40
CA PRO A 5 1.72 -8.39 -2.53
C PRO A 5 2.18 -6.93 -2.63
N LEU A 6 2.46 -6.28 -1.48
CA LEU A 6 2.86 -4.86 -1.38
C LEU A 6 3.96 -4.55 -2.40
N SER A 7 4.96 -5.43 -2.44
CA SER A 7 6.11 -5.32 -3.35
C SER A 7 5.67 -5.23 -4.82
N LYS A 8 4.90 -6.22 -5.31
CA LYS A 8 4.46 -6.29 -6.73
C LYS A 8 3.36 -5.27 -7.07
N TYR A 9 2.69 -4.72 -6.05
CA TYR A 9 1.80 -3.57 -6.25
C TYR A 9 2.67 -2.34 -6.58
N LEU A 10 3.71 -2.14 -5.74
CA LEU A 10 4.66 -1.02 -5.85
C LEU A 10 5.47 -1.09 -7.17
N GLU A 11 5.63 -2.31 -7.70
CA GLU A 11 6.31 -2.52 -8.99
C GLU A 11 5.37 -2.21 -10.17
N GLU A 12 4.21 -2.86 -10.19
CA GLU A 12 3.35 -2.90 -11.40
C GLU A 12 2.21 -1.87 -11.37
N HIS A 13 1.40 -1.92 -10.30
CA HIS A 13 0.05 -1.29 -10.27
C HIS A 13 0.06 0.14 -9.72
N GLY A 14 1.17 0.55 -9.12
CA GLY A 14 1.34 1.91 -8.59
C GLY A 14 2.69 2.05 -7.91
N THR A 15 3.17 3.29 -7.74
CA THR A 15 4.43 3.56 -7.01
C THR A 15 4.21 3.81 -5.52
N GLN A 16 5.32 4.05 -4.82
CA GLN A 16 5.36 4.19 -3.35
C GLN A 16 4.71 5.52 -2.94
N SER A 17 5.04 6.57 -3.69
CA SER A 17 4.44 7.91 -3.58
C SER A 17 2.97 7.87 -4.02
N ALA A 18 2.71 7.14 -5.11
CA ALA A 18 1.35 6.96 -5.67
C ALA A 18 0.42 6.31 -4.65
N LEU A 19 0.95 5.31 -3.93
CA LEU A 19 0.18 4.51 -2.98
C LEU A 19 -0.12 5.34 -1.72
N ALA A 20 0.94 5.93 -1.16
CA ALA A 20 0.86 6.84 0.00
C ALA A 20 -0.11 8.01 -0.27
N ALA A 21 -0.09 8.52 -1.50
CA ALA A 21 -0.98 9.61 -1.94
C ALA A 21 -2.44 9.15 -1.96
N ALA A 22 -2.66 7.89 -2.37
CA ALA A 22 -4.00 7.27 -2.42
C ALA A 22 -4.52 6.93 -1.01
N LEU A 23 -3.59 6.66 -0.07
CA LEU A 23 -3.93 6.30 1.33
C LEU A 23 -4.11 7.56 2.20
N GLY A 24 -3.49 8.68 1.81
CA GLY A 24 -3.49 9.93 2.59
C GLY A 24 -2.38 9.97 3.63
N VAL A 25 -1.33 9.17 3.41
CA VAL A 25 -0.18 9.04 4.32
C VAL A 25 1.11 9.46 3.59
N ASN A 26 2.21 9.61 4.34
CA ASN A 26 3.56 9.74 3.75
C ASN A 26 4.12 8.36 3.40
N GLN A 27 5.16 8.35 2.54
CA GLN A 27 5.89 7.11 2.13
C GLN A 27 6.57 6.43 3.33
N SER A 28 6.75 7.17 4.44
CA SER A 28 7.28 6.63 5.72
C SER A 28 6.46 5.41 6.20
N ALA A 29 5.17 5.39 5.85
CA ALA A 29 4.27 4.25 6.14
C ALA A 29 4.71 3.00 5.37
N ILE A 30 4.67 3.11 4.03
CA ILE A 30 4.90 1.99 3.09
C ILE A 30 6.33 1.44 3.28
N SER A 31 7.32 2.35 3.33
CA SER A 31 8.74 2.01 3.49
C SER A 31 9.00 1.27 4.81
N GLN A 32 8.33 1.69 5.91
CA GLN A 32 8.48 1.02 7.23
C GLN A 32 7.87 -0.39 7.19
N MET A 33 6.75 -0.53 6.48
CA MET A 33 6.05 -1.83 6.29
C MET A 33 6.90 -2.78 5.42
N VAL A 34 7.75 -2.19 4.55
CA VAL A 34 8.74 -2.90 3.74
C VAL A 34 9.94 -3.33 4.63
N ARG A 35 10.47 -2.38 5.43
CA ARG A 35 11.69 -2.57 6.25
C ARG A 35 11.40 -3.34 7.54
N ALA A 36 10.11 -3.53 7.85
CA ALA A 36 9.66 -4.39 8.98
C ALA A 36 9.90 -5.87 8.66
N GLY A 37 10.01 -6.17 7.35
CA GLY A 37 10.14 -7.54 6.86
C GLY A 37 8.82 -8.29 6.90
N ARG A 38 7.71 -7.53 7.02
CA ARG A 38 6.36 -8.06 7.08
C ARG A 38 5.77 -8.01 5.67
N CYS A 39 5.40 -9.19 5.11
CA CYS A 39 4.74 -9.26 3.81
C CYS A 39 3.33 -8.71 3.94
N ILE A 40 3.09 -7.57 3.28
CA ILE A 40 1.82 -6.84 3.35
C ILE A 40 0.98 -7.14 2.11
N ASP A 41 -0.34 -7.20 2.29
CA ASP A 41 -1.29 -7.47 1.20
C ASP A 41 -2.15 -6.22 0.93
N ILE A 42 -1.95 -5.61 -0.26
CA ILE A 42 -2.70 -4.43 -0.71
C ILE A 42 -4.04 -4.86 -1.32
N GLU A 43 -5.09 -4.14 -0.92
CA GLU A 43 -6.46 -4.31 -1.41
C GLU A 43 -6.68 -3.45 -2.68
N LEU A 44 -6.56 -4.08 -3.87
CA LEU A 44 -6.82 -3.42 -5.16
C LEU A 44 -8.24 -3.76 -5.63
N TYR A 45 -9.11 -2.75 -5.70
CA TYR A 45 -10.46 -2.85 -6.28
C TYR A 45 -10.38 -2.99 -7.81
N THR A 46 -11.47 -3.50 -8.41
CA THR A 46 -11.56 -3.76 -9.87
C THR A 46 -11.41 -2.47 -10.70
N ASP A 47 -11.92 -1.35 -10.15
CA ASP A 47 -11.89 -0.03 -10.82
C ASP A 47 -10.48 0.61 -10.77
N GLY A 48 -9.63 0.13 -9.85
CA GLY A 48 -8.28 0.67 -9.68
C GLY A 48 -8.11 1.45 -8.39
N ARG A 49 -9.16 1.49 -7.55
CA ARG A 49 -9.08 2.10 -6.20
C ARG A 49 -8.29 1.20 -5.26
N VAL A 50 -7.53 1.80 -4.33
CA VAL A 50 -6.87 1.06 -3.24
C VAL A 50 -7.15 1.73 -1.91
N GLU A 51 -7.21 0.89 -0.88
CA GLU A 51 -7.21 1.29 0.51
C GLU A 51 -6.54 0.17 1.29
N CYS A 52 -5.48 0.51 2.02
CA CYS A 52 -4.71 -0.51 2.74
C CYS A 52 -5.28 -0.63 4.16
N ARG A 53 -6.13 -1.65 4.32
CA ARG A 53 -6.61 -2.14 5.63
C ARG A 53 -5.42 -2.51 6.56
N GLU A 54 -4.30 -2.89 5.92
CA GLU A 54 -3.08 -3.34 6.59
C GLU A 54 -2.26 -2.14 7.12
N LEU A 55 -2.58 -0.92 6.62
CA LEU A 55 -1.87 0.32 6.97
C LEU A 55 -2.90 1.35 7.47
N ARG A 56 -2.97 1.50 8.80
CA ARG A 56 -3.68 2.62 9.43
C ARG A 56 -2.82 3.91 9.36
N PRO A 57 -3.46 5.13 9.34
CA PRO A 57 -2.73 6.41 9.56
C PRO A 57 -2.19 6.54 11.02
N ASP A 58 -2.71 5.67 11.91
CA ASP A 58 -2.37 5.65 13.35
C ASP A 58 -0.90 5.28 13.58
N VAL A 59 -0.30 4.62 12.57
CA VAL A 59 1.09 4.17 12.55
C VAL A 59 2.08 5.31 12.90
N PHE A 60 1.83 6.53 12.38
CA PHE A 60 2.75 7.68 12.53
C PHE A 60 1.98 9.01 12.38
N GLY A 61 2.72 10.13 12.10
CA GLY A 61 2.11 11.45 11.84
C GLY A 61 1.16 11.44 10.63
N ALA A 62 1.36 10.45 9.73
CA ALA A 62 0.43 10.09 8.65
C ALA A 62 0.39 11.16 7.55
N MET A 1 -12.74 -7.85 -3.89
CA MET A 1 -11.34 -7.55 -3.56
C MET A 1 -10.40 -8.51 -4.32
N LYS A 2 -9.20 -8.01 -4.65
CA LYS A 2 -8.14 -8.77 -5.33
C LYS A 2 -6.87 -8.72 -4.48
N LYS A 3 -6.39 -9.90 -4.08
CA LYS A 3 -5.19 -10.03 -3.24
C LYS A 3 -3.92 -9.89 -4.09
N ILE A 4 -2.95 -9.09 -3.60
CA ILE A 4 -1.63 -8.91 -4.26
C ILE A 4 -0.51 -8.88 -3.19
N PRO A 5 0.66 -9.55 -3.42
CA PRO A 5 1.84 -9.40 -2.55
C PRO A 5 2.42 -7.97 -2.68
N LEU A 6 2.75 -7.33 -1.53
CA LEU A 6 3.26 -5.94 -1.48
C LEU A 6 4.38 -5.71 -2.48
N SER A 7 5.33 -6.66 -2.52
CA SER A 7 6.51 -6.60 -3.39
C SER A 7 6.11 -6.46 -4.88
N LYS A 8 5.26 -7.39 -5.36
CA LYS A 8 4.82 -7.42 -6.79
C LYS A 8 3.89 -6.24 -7.12
N TYR A 9 3.22 -5.69 -6.10
CA TYR A 9 2.44 -4.46 -6.27
C TYR A 9 3.41 -3.28 -6.54
N LEU A 10 4.48 -3.19 -5.71
CA LEU A 10 5.47 -2.10 -5.77
C LEU A 10 6.28 -2.11 -7.08
N GLU A 11 6.39 -3.29 -7.70
CA GLU A 11 7.13 -3.44 -8.95
C GLU A 11 6.23 -3.15 -10.16
N GLU A 12 5.08 -3.83 -10.23
CA GLU A 12 4.25 -3.88 -11.46
C GLU A 12 3.08 -2.89 -11.44
N HIS A 13 2.37 -2.82 -10.30
CA HIS A 13 1.05 -2.16 -10.23
C HIS A 13 1.13 -0.68 -9.84
N GLY A 14 2.13 -0.32 -9.04
CA GLY A 14 2.30 1.04 -8.53
C GLY A 14 3.60 1.20 -7.77
N THR A 15 4.06 2.44 -7.57
CA THR A 15 5.31 2.73 -6.84
C THR A 15 5.04 2.92 -5.35
N GLN A 16 6.13 3.09 -4.57
CA GLN A 16 6.09 3.22 -3.10
C GLN A 16 5.54 4.60 -2.72
N SER A 17 5.92 5.62 -3.53
CA SER A 17 5.39 6.98 -3.43
C SER A 17 3.88 7.01 -3.72
N ALA A 18 3.51 6.30 -4.81
CA ALA A 18 2.13 6.22 -5.29
C ALA A 18 1.23 5.54 -4.27
N LEU A 19 1.75 4.46 -3.67
CA LEU A 19 1.02 3.67 -2.69
C LEU A 19 0.82 4.50 -1.41
N ALA A 20 1.90 5.19 -0.99
CA ALA A 20 1.85 6.15 0.14
C ALA A 20 0.78 7.23 -0.10
N ALA A 21 0.74 7.76 -1.33
CA ALA A 21 -0.24 8.78 -1.73
C ALA A 21 -1.67 8.23 -1.71
N ALA A 22 -1.80 6.94 -2.09
CA ALA A 22 -3.09 6.25 -2.15
C ALA A 22 -3.62 5.87 -0.75
N LEU A 23 -2.71 5.76 0.23
CA LEU A 23 -3.06 5.46 1.64
C LEU A 23 -3.17 6.75 2.48
N GLY A 24 -2.64 7.87 1.93
CA GLY A 24 -2.63 9.17 2.61
C GLY A 24 -1.53 9.26 3.67
N VAL A 25 -0.41 8.57 3.41
CA VAL A 25 0.73 8.43 4.35
C VAL A 25 2.05 8.84 3.67
N ASN A 26 3.14 8.83 4.45
CA ASN A 26 4.51 9.02 3.94
C ASN A 26 5.08 7.65 3.48
N GLN A 27 6.09 7.71 2.59
CA GLN A 27 6.76 6.51 2.00
C GLN A 27 7.37 5.61 3.09
N SER A 28 7.82 6.26 4.18
CA SER A 28 8.50 5.59 5.31
C SER A 28 7.62 4.50 5.96
N ALA A 29 6.28 4.63 5.85
CA ALA A 29 5.33 3.60 6.27
C ALA A 29 5.52 2.32 5.45
N ILE A 30 5.45 2.46 4.11
CA ILE A 30 5.60 1.33 3.17
C ILE A 30 7.01 0.70 3.32
N SER A 31 8.04 1.56 3.34
CA SER A 31 9.45 1.14 3.47
C SER A 31 9.73 0.39 4.79
N GLN A 32 8.98 0.76 5.85
CA GLN A 32 9.01 0.05 7.15
C GLN A 32 8.44 -1.36 6.99
N MET A 33 7.25 -1.42 6.38
CA MET A 33 6.49 -2.66 6.13
C MET A 33 7.28 -3.64 5.22
N VAL A 34 8.12 -3.06 4.35
CA VAL A 34 9.03 -3.81 3.46
C VAL A 34 10.22 -4.40 4.25
N ARG A 35 11.02 -3.50 4.86
CA ARG A 35 12.31 -3.87 5.49
C ARG A 35 12.14 -4.55 6.86
N ALA A 36 10.90 -4.58 7.39
CA ALA A 36 10.54 -5.34 8.61
C ALA A 36 10.53 -6.86 8.35
N GLY A 37 10.37 -7.23 7.05
CA GLY A 37 10.14 -8.63 6.67
C GLY A 37 8.73 -9.09 6.99
N ARG A 38 7.81 -8.10 6.97
CA ARG A 38 6.38 -8.29 7.28
C ARG A 38 5.63 -8.56 5.96
N CYS A 39 5.00 -9.75 5.84
CA CYS A 39 4.24 -10.13 4.63
C CYS A 39 2.96 -9.32 4.53
N ILE A 40 2.85 -8.48 3.48
CA ILE A 40 1.73 -7.54 3.29
C ILE A 40 0.95 -7.91 2.03
N ASP A 41 -0.38 -7.73 2.09
CA ASP A 41 -1.29 -8.06 0.98
C ASP A 41 -2.17 -6.83 0.66
N ILE A 42 -1.98 -6.24 -0.52
CA ILE A 42 -2.68 -5.02 -0.92
C ILE A 42 -4.06 -5.37 -1.50
N GLU A 43 -5.10 -4.86 -0.83
CA GLU A 43 -6.50 -5.00 -1.24
C GLU A 43 -6.78 -4.13 -2.48
N LEU A 44 -6.82 -4.78 -3.65
CA LEU A 44 -7.18 -4.15 -4.92
C LEU A 44 -8.70 -4.16 -5.10
N TYR A 45 -9.28 -2.97 -5.24
CA TYR A 45 -10.70 -2.80 -5.56
C TYR A 45 -10.81 -2.55 -7.07
N THR A 46 -11.79 -3.17 -7.71
CA THR A 46 -11.89 -3.24 -9.19
C THR A 46 -12.19 -1.87 -9.85
N ASP A 47 -12.60 -0.87 -9.04
CA ASP A 47 -12.87 0.50 -9.52
C ASP A 47 -11.55 1.32 -9.65
N GLY A 48 -10.48 0.81 -9.02
CA GLY A 48 -9.16 1.44 -9.06
C GLY A 48 -8.64 1.91 -7.70
N ARG A 49 -9.44 1.74 -6.63
CA ARG A 49 -8.98 2.00 -5.25
C ARG A 49 -7.97 0.91 -4.83
N VAL A 50 -6.92 1.30 -4.08
CA VAL A 50 -5.97 0.37 -3.46
C VAL A 50 -5.83 0.72 -1.97
N GLU A 51 -5.98 -0.29 -1.11
CA GLU A 51 -5.84 -0.14 0.35
C GLU A 51 -4.94 -1.24 0.91
N CYS A 52 -4.05 -0.86 1.83
CA CYS A 52 -3.18 -1.80 2.53
C CYS A 52 -3.83 -2.14 3.89
N ARG A 53 -4.35 -3.36 4.01
CA ARG A 53 -5.08 -3.84 5.22
C ARG A 53 -4.20 -3.76 6.49
N GLU A 54 -2.88 -3.93 6.30
CA GLU A 54 -1.91 -3.90 7.41
C GLU A 54 -1.57 -2.44 7.78
N LEU A 55 -1.45 -1.57 6.77
CA LEU A 55 -1.11 -0.17 6.97
C LEU A 55 -2.37 0.57 7.42
N ARG A 56 -2.51 0.65 8.73
CA ARG A 56 -3.47 1.52 9.40
C ARG A 56 -2.86 2.94 9.56
N PRO A 57 -3.70 4.03 9.66
CA PRO A 57 -3.21 5.42 9.92
C PRO A 57 -2.53 5.59 11.31
N ASP A 58 -2.58 4.50 12.10
CA ASP A 58 -1.94 4.38 13.42
C ASP A 58 -0.42 4.61 13.32
N VAL A 59 0.13 4.25 12.14
CA VAL A 59 1.57 4.36 11.80
C VAL A 59 2.14 5.79 12.06
N PHE A 60 1.26 6.81 11.97
CA PHE A 60 1.57 8.20 12.31
C PHE A 60 1.86 8.31 13.83
N GLY A 61 0.80 8.07 14.63
CA GLY A 61 0.86 8.19 16.07
C GLY A 61 1.22 6.87 16.74
N ALA A 62 2.24 6.19 16.19
CA ALA A 62 2.65 4.84 16.62
C ALA A 62 3.83 4.95 17.61
#